data_3REW
#
_entry.id   3REW
#
_cell.length_a   49.750
_cell.length_b   141.440
_cell.length_c   141.670
_cell.angle_alpha   90.00
_cell.angle_beta   90.00
_cell.angle_gamma   90.00
#
_symmetry.space_group_name_H-M   'P 21 21 21'
#
loop_
_entity.id
_entity.type
_entity.pdbx_description
1 polymer 'HLA class I histocompatibility antigen, A-2 alpha chain'
2 polymer Beta-2-microglobulin
3 polymer 'Latent membrane protein 2'
4 non-polymer 'IODIDE ION'
5 non-polymer 1,2-ETHANEDIOL
6 non-polymer 'CHLORIDE ION'
7 water water
#
loop_
_entity_poly.entity_id
_entity_poly.type
_entity_poly.pdbx_seq_one_letter_code
_entity_poly.pdbx_strand_id
1 'polypeptide(L)'
;GSHSMRYFFTSVSRPGRGEPRFIAVGYVDDTQFVRFDSDAASQRMEPRAPWIEQEGPEYWDGETRKVKAHSQTHRVDLGT
LRGYYNQSEAGSHTVQRMYGCDVGSDWRFLRGYHQYAYDGKDYIALKEDLRSWTAADMAAQTTKHKWEAAHVAEQLRAYL
EGTCVEWLRRYLENGKETLQRTDAPKTHMTHHAVSDHEATLRCWALSFYPAEITLTWQRDGEDQTQDTELVETRPAGDGT
FQKWAAVVVPSGQEQRYTCHVQHEGLPKPLTLRWE
;
A,D
2 'polypeptide(L)'
;IQRTPKIQVYSRHPAENGKSNFLNCYVSGFHPSDIEVDLLKNGERIEKVEHSDLSFSKDWSFYLLYYTEFTPTEKDEYAC
RVNHVTLSQPKIVKWDRDM
;
B,E
3 'polypeptide(L)' CLGGLLTMV C,F
#
# COMPACT_ATOMS: atom_id res chain seq x y z
N GLY A 1 -13.20 40.78 3.85
CA GLY A 1 -11.94 39.98 3.81
C GLY A 1 -11.53 39.88 2.34
N SER A 2 -10.23 39.73 2.09
CA SER A 2 -9.73 39.47 0.74
C SER A 2 -9.91 38.01 0.40
N HIS A 3 -9.97 37.73 -0.89
CA HIS A 3 -10.17 36.35 -1.33
C HIS A 3 -9.32 36.11 -2.56
N SER A 4 -9.06 34.84 -2.82
CA SER A 4 -8.25 34.47 -3.99
C SER A 4 -8.81 33.27 -4.67
N MET A 5 -8.59 33.18 -5.97
CA MET A 5 -8.80 31.91 -6.68
C MET A 5 -7.49 31.55 -7.33
N ARG A 6 -7.03 30.31 -7.13
CA ARG A 6 -5.73 29.88 -7.64
C ARG A 6 -5.79 28.50 -8.24
N TYR A 7 -5.02 28.30 -9.32
CA TYR A 7 -4.83 26.98 -9.91
C TYR A 7 -3.38 26.56 -9.84
N PHE A 8 -3.16 25.28 -9.56
CA PHE A 8 -1.82 24.70 -9.41
C PHE A 8 -1.71 23.51 -10.32
N PHE A 9 -0.80 23.60 -11.29
CA PHE A 9 -0.55 22.52 -12.25
C PHE A 9 0.79 21.89 -11.91
N THR A 10 0.82 20.56 -11.89
CA THR A 10 2.10 19.82 -11.79
C THR A 10 2.18 18.73 -12.83
N SER A 11 3.26 18.67 -13.60
CA SER A 11 3.45 17.57 -14.54
C SER A 11 4.84 16.96 -14.38
N VAL A 12 4.91 15.64 -14.33
CA VAL A 12 6.17 14.96 -14.01
C VAL A 12 6.46 13.90 -15.07
N SER A 13 7.62 14.01 -15.74
CA SER A 13 7.97 13.06 -16.81
C SER A 13 8.37 11.70 -16.23
N ARG A 14 8.17 10.65 -17.02
CA ARG A 14 8.53 9.30 -16.60
C ARG A 14 8.90 8.49 -17.84
N PRO A 15 10.03 8.85 -18.47
CA PRO A 15 10.40 8.27 -19.76
C PRO A 15 10.43 6.75 -19.74
N GLY A 16 9.88 6.15 -20.78
CA GLY A 16 9.77 4.70 -20.85
C GLY A 16 8.51 4.18 -20.21
N ARG A 17 7.96 4.95 -19.26
CA ARG A 17 6.77 4.53 -18.53
C ARG A 17 5.54 5.32 -18.95
N GLY A 18 5.46 5.69 -20.23
CA GLY A 18 4.29 6.39 -20.76
C GLY A 18 4.45 7.91 -20.68
N GLU A 19 3.36 8.63 -20.98
CA GLU A 19 3.33 10.10 -20.92
C GLU A 19 3.38 10.62 -19.49
N PRO A 20 3.84 11.87 -19.30
CA PRO A 20 3.91 12.46 -17.96
C PRO A 20 2.58 12.50 -17.19
N ARG A 21 2.67 12.39 -15.89
CA ARG A 21 1.50 12.46 -15.07
C ARG A 21 1.20 13.94 -14.82
N PHE A 22 0.01 14.38 -15.19
CA PHE A 22 -0.41 15.78 -15.02
C PHE A 22 -1.49 15.91 -13.91
N ILE A 23 -1.29 16.81 -12.97
CA ILE A 23 -2.22 17.05 -11.86
C ILE A 23 -2.58 18.53 -11.77
N ALA A 24 -3.87 18.83 -11.74
CA ALA A 24 -4.29 20.21 -11.58
C ALA A 24 -5.29 20.27 -10.45
N VAL A 25 -5.20 21.32 -9.66
CA VAL A 25 -6.15 21.54 -8.57
C VAL A 25 -6.44 23.03 -8.53
N GLY A 26 -7.68 23.38 -8.16
CA GLY A 26 -8.12 24.76 -8.03
C GLY A 26 -8.55 24.96 -6.58
N TYR A 27 -8.29 26.18 -6.11
CA TYR A 27 -8.59 26.60 -4.74
C TYR A 27 -9.30 27.96 -4.77
N VAL A 28 -10.28 28.14 -3.88
CA VAL A 28 -10.73 29.49 -3.48
C VAL A 28 -10.28 29.64 -2.04
N ASP A 29 -9.45 30.66 -1.78
CA ASP A 29 -8.85 30.82 -0.48
C ASP A 29 -8.16 29.52 -0.07
N ASP A 30 -8.54 28.94 1.06
CA ASP A 30 -7.87 27.72 1.51
C ASP A 30 -8.77 26.50 1.29
N THR A 31 -9.73 26.61 0.36
CA THR A 31 -10.69 25.56 0.10
C THR A 31 -10.48 25.01 -1.33
N GLN A 32 -9.98 23.78 -1.45
CA GLN A 32 -9.89 23.13 -2.76
C GLN A 32 -11.29 22.87 -3.36
N PHE A 33 -11.48 23.09 -4.66
CA PHE A 33 -12.82 22.88 -5.23
C PHE A 33 -12.88 22.02 -6.47
N VAL A 34 -11.74 21.85 -7.16
CA VAL A 34 -11.70 20.99 -8.35
C VAL A 34 -10.35 20.25 -8.45
N ARG A 35 -10.34 19.14 -9.18
CA ARG A 35 -9.11 18.42 -9.44
C ARG A 35 -9.15 17.68 -10.74
N PHE A 36 -7.96 17.44 -11.27
CA PHE A 36 -7.80 16.59 -12.45
C PHE A 36 -6.50 15.81 -12.29
N ASP A 37 -6.57 14.51 -12.59
CA ASP A 37 -5.39 13.63 -12.59
C ASP A 37 -5.37 12.85 -13.91
N SER A 38 -4.31 13.02 -14.69
CA SER A 38 -4.23 12.35 -15.99
C SER A 38 -4.25 10.80 -15.91
N ASP A 39 -3.86 10.27 -14.77
CA ASP A 39 -3.79 8.80 -14.62
C ASP A 39 -5.12 8.18 -14.18
N ALA A 40 -6.04 9.01 -13.68
CA ALA A 40 -7.32 8.51 -13.17
C ALA A 40 -8.22 8.05 -14.31
N ALA A 41 -9.19 7.21 -14.00
CA ALA A 41 -9.97 6.59 -15.04
C ALA A 41 -10.94 7.56 -15.65
N SER A 42 -11.47 8.50 -14.86
CA SER A 42 -12.53 9.41 -15.37
C SER A 42 -12.11 10.19 -16.60
N GLN A 43 -10.87 10.68 -16.60
CA GLN A 43 -10.37 11.61 -17.63
C GLN A 43 -11.22 12.89 -17.65
N ARG A 44 -11.66 13.34 -16.46
CA ARG A 44 -12.49 14.53 -16.38
C ARG A 44 -12.07 15.40 -15.21
N MET A 45 -12.32 16.71 -15.32
CA MET A 45 -12.21 17.60 -14.16
C MET A 45 -13.30 17.13 -13.20
N GLU A 46 -13.00 17.13 -11.92
CA GLU A 46 -13.92 16.61 -10.91
C GLU A 46 -14.11 17.58 -9.72
N PRO A 47 -15.32 17.61 -9.14
CA PRO A 47 -15.60 18.44 -8.00
C PRO A 47 -14.95 17.94 -6.70
N ARG A 48 -14.46 18.89 -5.91
CA ARG A 48 -13.86 18.59 -4.60
C ARG A 48 -14.44 19.47 -3.49
N ALA A 49 -15.49 20.22 -3.82
CA ALA A 49 -16.24 21.01 -2.86
C ALA A 49 -17.75 20.94 -3.16
N PRO A 50 -18.59 20.98 -2.11
CA PRO A 50 -20.05 20.86 -2.28
C PRO A 50 -20.66 21.92 -3.18
N TRP A 51 -20.19 23.17 -3.09
CA TRP A 51 -20.74 24.29 -3.82
C TRP A 51 -20.41 24.34 -5.32
N ILE A 52 -19.35 23.67 -5.76
CA ILE A 52 -19.07 23.54 -7.19
C ILE A 52 -19.95 22.48 -7.90
N GLU A 53 -20.53 21.55 -7.14
CA GLU A 53 -21.42 20.54 -7.72
C GLU A 53 -22.64 21.16 -8.35
N GLN A 54 -23.01 22.35 -7.92
CA GLN A 54 -24.08 23.11 -8.53
C GLN A 54 -23.84 23.25 -10.03
N GLU A 55 -22.58 23.42 -10.44
CA GLU A 55 -22.28 23.74 -11.86
C GLU A 55 -22.82 22.67 -12.79
N GLY A 56 -23.31 23.12 -13.96
CA GLY A 56 -23.98 22.22 -14.89
C GLY A 56 -23.04 21.49 -15.83
N PRO A 57 -23.61 20.63 -16.72
CA PRO A 57 -22.76 19.84 -17.60
C PRO A 57 -21.80 20.65 -18.44
N GLU A 58 -22.21 21.84 -18.89
CA GLU A 58 -21.36 22.67 -19.72
C GLU A 58 -20.07 23.07 -18.99
N TYR A 59 -20.17 23.31 -17.68
CA TYR A 59 -19.00 23.65 -16.89
C TYR A 59 -18.03 22.48 -16.87
N TRP A 60 -18.49 21.27 -16.58
CA TRP A 60 -17.60 20.12 -16.42
C TRP A 60 -17.01 19.72 -17.78
N ASP A 61 -17.83 19.85 -18.82
CA ASP A 61 -17.34 19.55 -20.16
C ASP A 61 -16.28 20.55 -20.59
N GLY A 62 -16.52 21.84 -20.30
CA GLY A 62 -15.58 22.90 -20.70
C GLY A 62 -14.27 22.81 -19.93
N GLU A 63 -14.35 22.63 -18.61
CA GLU A 63 -13.15 22.51 -17.79
C GLU A 63 -12.35 21.27 -18.16
N THR A 64 -13.03 20.19 -18.50
CA THR A 64 -12.36 18.96 -18.93
C THR A 64 -11.59 19.17 -20.22
N ARG A 65 -12.24 19.82 -21.18
CA ARG A 65 -11.57 20.11 -22.45
C ARG A 65 -10.35 20.97 -22.23
N LYS A 66 -10.49 22.00 -21.40
CA LYS A 66 -9.38 22.89 -21.16
C LYS A 66 -8.27 22.14 -20.39
N VAL A 67 -8.64 21.42 -19.33
CA VAL A 67 -7.60 20.75 -18.52
C VAL A 67 -6.83 19.72 -19.32
N LYS A 68 -7.50 18.96 -20.18
CA LYS A 68 -6.80 18.01 -21.00
C LYS A 68 -5.80 18.69 -21.93
N ALA A 69 -6.21 19.78 -22.54
CA ALA A 69 -5.31 20.51 -23.43
C ALA A 69 -4.12 21.07 -22.67
N HIS A 70 -4.36 21.62 -21.48
CA HIS A 70 -3.26 22.02 -20.59
C HIS A 70 -2.32 20.84 -20.27
N SER A 71 -2.87 19.66 -20.03
CA SER A 71 -2.00 18.51 -19.77
C SER A 71 -1.08 18.24 -20.98
N GLN A 72 -1.62 18.36 -22.19
CA GLN A 72 -0.85 18.15 -23.41
C GLN A 72 0.26 19.20 -23.58
N THR A 73 -0.06 20.45 -23.30
CA THR A 73 0.96 21.50 -23.46
C THR A 73 2.10 21.36 -22.44
N HIS A 74 1.80 20.92 -21.21
CA HIS A 74 2.86 20.77 -20.23
C HIS A 74 3.74 19.56 -20.53
N ARG A 75 3.15 18.58 -21.21
CA ARG A 75 3.93 17.42 -21.71
C ARG A 75 4.96 17.95 -22.74
N VAL A 76 4.53 18.78 -23.68
CA VAL A 76 5.44 19.43 -24.62
C VAL A 76 6.50 20.28 -23.95
N ASP A 77 6.12 21.07 -22.94
CA ASP A 77 7.05 21.88 -22.14
C ASP A 77 8.20 21.05 -21.54
N LEU A 78 7.88 19.87 -21.01
CA LEU A 78 8.86 18.97 -20.42
C LEU A 78 9.91 18.58 -21.47
N GLY A 79 9.45 18.23 -22.67
CA GLY A 79 10.38 18.01 -23.81
C GLY A 79 11.17 19.25 -24.20
N THR A 80 10.52 20.42 -24.18
CA THR A 80 11.19 21.68 -24.54
C THR A 80 12.29 22.04 -23.55
N LEU A 81 11.95 21.96 -22.28
CA LEU A 81 12.88 22.25 -21.19
C LEU A 81 14.08 21.28 -21.14
N ARG A 82 13.81 19.99 -21.29
CA ARG A 82 14.86 18.98 -21.36
C ARG A 82 15.87 19.38 -22.45
N GLY A 83 15.35 19.90 -23.57
CA GLY A 83 16.15 20.40 -24.67
C GLY A 83 16.89 21.68 -24.34
N TYR A 84 16.18 22.68 -23.77
CA TYR A 84 16.81 23.93 -23.37
C TYR A 84 17.99 23.70 -22.44
N TYR A 85 17.91 22.64 -21.62
CA TYR A 85 18.93 22.40 -20.61
C TYR A 85 19.87 21.27 -20.98
N ASN A 86 19.84 20.88 -22.25
CA ASN A 86 20.65 19.78 -22.77
C ASN A 86 20.67 18.53 -21.88
N GLN A 87 19.52 18.28 -21.24
CA GLN A 87 19.36 17.14 -20.34
C GLN A 87 19.02 15.86 -21.07
N SER A 88 19.24 14.74 -20.42
CA SER A 88 19.00 13.44 -21.03
C SER A 88 17.51 13.17 -21.20
N GLU A 89 17.18 12.27 -22.12
CA GLU A 89 15.78 11.93 -22.39
C GLU A 89 15.28 10.87 -21.42
N ALA A 90 16.17 10.42 -20.54
CA ALA A 90 15.88 9.26 -19.69
C ALA A 90 15.44 9.69 -18.31
N GLY A 91 15.84 10.89 -17.90
CA GLY A 91 15.51 11.41 -16.56
C GLY A 91 14.09 11.96 -16.36
N SER A 92 13.61 11.85 -15.13
CA SER A 92 12.31 12.39 -14.74
C SER A 92 12.46 13.84 -14.28
N HIS A 93 11.60 14.71 -14.80
CA HIS A 93 11.65 16.15 -14.49
C HIS A 93 10.25 16.67 -14.19
N THR A 94 10.17 17.85 -13.58
CA THR A 94 8.90 18.44 -13.16
C THR A 94 8.71 19.84 -13.74
N VAL A 95 7.49 20.13 -14.18
CA VAL A 95 7.05 21.51 -14.45
C VAL A 95 5.87 21.84 -13.55
N GLN A 96 5.84 23.07 -13.07
CA GLN A 96 4.77 23.54 -12.22
C GLN A 96 4.31 24.88 -12.74
N ARG A 97 3.01 25.11 -12.72
CA ARG A 97 2.46 26.41 -13.06
C ARG A 97 1.41 26.76 -12.00
N MET A 98 1.41 28.01 -11.59
CA MET A 98 0.46 28.54 -10.60
C MET A 98 -0.02 29.90 -11.11
N TYR A 99 -1.32 30.13 -11.08
CA TYR A 99 -1.85 31.43 -11.43
C TYR A 99 -3.16 31.68 -10.69
N GLY A 100 -3.60 32.93 -10.67
CA GLY A 100 -4.86 33.27 -10.02
C GLY A 100 -5.01 34.75 -9.83
N CYS A 101 -6.03 35.14 -9.05
CA CYS A 101 -6.32 36.52 -8.83
C CYS A 101 -6.79 36.71 -7.41
N ASP A 102 -6.54 37.91 -6.91
CA ASP A 102 -6.96 38.33 -5.59
C ASP A 102 -7.93 39.48 -5.73
N VAL A 103 -8.92 39.52 -4.85
CA VAL A 103 -9.85 40.63 -4.77
C VAL A 103 -9.73 41.17 -3.35
N GLY A 104 -9.97 42.46 -3.19
CA GLY A 104 -9.94 43.09 -1.86
C GLY A 104 -11.26 42.84 -1.15
N SER A 105 -11.43 43.46 0.03
CA SER A 105 -12.66 43.30 0.82
C SER A 105 -13.89 43.87 0.10
N ASP A 106 -13.65 44.69 -0.91
CA ASP A 106 -14.71 45.20 -1.79
C ASP A 106 -15.02 44.25 -2.98
N TRP A 107 -14.35 43.11 -3.02
CA TRP A 107 -14.52 42.09 -4.08
C TRP A 107 -14.15 42.58 -5.47
N ARG A 108 -13.34 43.62 -5.53
CA ARG A 108 -12.82 44.10 -6.80
C ARG A 108 -11.39 43.64 -6.97
N PHE A 109 -11.00 43.46 -8.23
CA PHE A 109 -9.67 43.02 -8.59
C PHE A 109 -8.61 43.77 -7.80
N LEU A 110 -7.66 43.04 -7.23
CA LEU A 110 -6.53 43.62 -6.52
C LEU A 110 -5.19 43.28 -7.17
N ARG A 111 -5.00 42.01 -7.52
CA ARG A 111 -3.79 41.62 -8.20
C ARG A 111 -3.98 40.31 -8.91
N GLY A 112 -3.09 40.03 -9.86
CA GLY A 112 -3.09 38.80 -10.62
C GLY A 112 -1.69 38.28 -10.65
N TYR A 113 -1.55 36.98 -10.88
CA TYR A 113 -0.22 36.38 -10.94
C TYR A 113 -0.29 35.14 -11.79
N HIS A 114 0.85 34.77 -12.34
CA HIS A 114 1.00 33.63 -13.25
C HIS A 114 2.50 33.28 -13.32
N GLN A 115 2.86 32.16 -12.66
CA GLN A 115 4.25 31.79 -12.44
C GLN A 115 4.52 30.36 -12.89
N TYR A 116 5.76 30.11 -13.29
CA TYR A 116 6.15 28.81 -13.83
C TYR A 116 7.48 28.43 -13.23
N ALA A 117 7.65 27.14 -12.98
CA ALA A 117 8.88 26.58 -12.40
C ALA A 117 9.27 25.33 -13.10
N TYR A 118 10.58 25.10 -13.23
CA TYR A 118 11.10 23.87 -13.76
C TYR A 118 11.94 23.18 -12.69
N ASP A 119 11.72 21.89 -12.46
CA ASP A 119 12.41 21.14 -11.40
C ASP A 119 12.46 21.84 -10.06
N GLY A 120 11.31 22.47 -9.70
CA GLY A 120 11.12 23.16 -8.43
C GLY A 120 11.80 24.49 -8.25
N LYS A 121 12.27 25.11 -9.33
CA LYS A 121 12.92 26.43 -9.26
C LYS A 121 12.23 27.42 -10.20
N ASP A 122 12.11 28.68 -9.79
CA ASP A 122 11.59 29.74 -10.65
C ASP A 122 12.09 29.59 -12.07
N TYR A 123 11.15 29.73 -13.02
CA TYR A 123 11.51 29.68 -14.45
C TYR A 123 11.16 31.01 -15.12
N ILE A 124 9.88 31.34 -15.15
CA ILE A 124 9.42 32.63 -15.70
C ILE A 124 8.15 33.01 -14.92
N ALA A 125 7.96 34.29 -14.66
CA ALA A 125 6.79 34.78 -13.92
C ALA A 125 6.31 36.08 -14.53
N LEU A 126 4.99 36.22 -14.60
CA LEU A 126 4.38 37.47 -15.00
C LEU A 126 4.55 38.49 -13.86
N LYS A 127 4.99 39.71 -14.20
CA LYS A 127 5.10 40.78 -13.18
C LYS A 127 3.74 41.33 -12.77
N GLU A 128 3.69 42.01 -11.62
CA GLU A 128 2.45 42.56 -11.05
C GLU A 128 1.71 43.45 -12.03
N ASP A 129 2.46 44.13 -12.91
CA ASP A 129 1.84 45.02 -13.92
C ASP A 129 1.00 44.24 -14.95
N LEU A 130 1.20 42.92 -14.99
CA LEU A 130 0.48 42.01 -15.92
C LEU A 130 0.83 42.34 -17.36
N ARG A 131 2.01 42.91 -17.58
CA ARG A 131 2.45 43.35 -18.89
C ARG A 131 3.85 42.88 -19.21
N SER A 132 4.63 42.53 -18.18
CA SER A 132 6.03 42.14 -18.44
C SER A 132 6.36 40.85 -17.73
N TRP A 133 7.50 40.26 -18.08
CA TRP A 133 7.89 38.96 -17.55
C TRP A 133 9.25 39.03 -16.85
N THR A 134 9.43 38.17 -15.85
CA THR A 134 10.70 37.98 -15.16
C THR A 134 11.23 36.64 -15.52
N ALA A 135 12.36 36.61 -16.22
CA ALA A 135 12.98 35.35 -16.57
C ALA A 135 14.13 35.02 -15.60
N ALA A 136 14.13 33.79 -15.09
CA ALA A 136 15.09 33.34 -14.08
C ALA A 136 16.51 33.21 -14.60
N ASP A 137 16.64 32.74 -15.86
CA ASP A 137 17.93 32.45 -16.46
C ASP A 137 17.94 32.67 -17.98
N MET A 138 19.01 32.22 -18.62
CA MET A 138 19.18 32.27 -20.07
C MET A 138 18.13 31.49 -20.85
N ALA A 139 17.86 30.25 -20.44
CA ALA A 139 16.82 29.43 -21.05
C ALA A 139 15.46 30.13 -21.00
N ALA A 140 15.15 30.69 -19.85
CA ALA A 140 13.88 31.40 -19.66
C ALA A 140 13.77 32.67 -20.52
N GLN A 141 14.90 33.22 -20.93
CA GLN A 141 14.89 34.39 -21.83
C GLN A 141 14.30 34.02 -23.19
N THR A 142 14.54 32.79 -23.64
CA THR A 142 13.94 32.30 -24.89
C THR A 142 12.42 32.28 -24.77
N THR A 143 11.91 31.72 -23.68
CA THR A 143 10.44 31.70 -23.41
C THR A 143 9.92 33.13 -23.27
N LYS A 144 10.64 33.95 -22.52
CA LYS A 144 10.25 35.34 -22.34
C LYS A 144 10.07 36.07 -23.67
N HIS A 145 11.06 35.96 -24.55
CA HIS A 145 10.94 36.60 -25.85
C HIS A 145 9.78 35.97 -26.66
N LYS A 146 9.66 34.66 -26.60
CA LYS A 146 8.54 33.95 -27.31
C LYS A 146 7.14 34.49 -26.88
N TRP A 147 6.96 34.65 -25.56
CA TRP A 147 5.66 35.10 -25.00
C TRP A 147 5.42 36.59 -25.20
N GLU A 148 6.51 37.38 -25.24
CA GLU A 148 6.36 38.78 -25.63
C GLU A 148 5.84 38.89 -27.10
N ALA A 149 6.48 38.15 -27.99
CA ALA A 149 6.12 38.20 -29.44
C ALA A 149 4.68 37.72 -29.68
N ALA A 150 4.27 36.73 -28.88
CA ALA A 150 2.94 36.18 -29.00
C ALA A 150 1.89 36.94 -28.17
N HIS A 151 2.30 38.03 -27.50
CA HIS A 151 1.41 38.88 -26.69
C HIS A 151 0.61 38.05 -25.66
N VAL A 152 1.29 37.11 -25.04
CA VAL A 152 0.67 36.24 -24.05
C VAL A 152 0.20 37.05 -22.86
N ALA A 153 1.01 38.01 -22.38
CA ALA A 153 0.64 38.86 -21.25
C ALA A 153 -0.71 39.56 -21.43
N GLU A 154 -0.96 40.12 -22.61
CA GLU A 154 -2.19 40.84 -22.86
C GLU A 154 -3.41 39.91 -22.75
N GLN A 155 -3.26 38.70 -23.23
CA GLN A 155 -4.36 37.72 -23.24
C GLN A 155 -4.59 37.21 -21.84
N LEU A 156 -3.50 36.94 -21.12
CA LEU A 156 -3.58 36.51 -19.72
C LEU A 156 -4.15 37.63 -18.85
N ARG A 157 -3.74 38.88 -19.11
CA ARG A 157 -4.27 39.99 -18.32
C ARG A 157 -5.80 40.06 -18.41
N ALA A 158 -6.35 39.82 -19.60
CA ALA A 158 -7.80 39.82 -19.80
C ALA A 158 -8.47 38.72 -18.96
N TYR A 159 -7.83 37.57 -18.79
CA TYR A 159 -8.36 36.51 -17.94
C TYR A 159 -8.28 36.89 -16.47
N LEU A 160 -7.09 37.32 -16.04
CA LEU A 160 -6.83 37.61 -14.61
C LEU A 160 -7.71 38.72 -14.03
N GLU A 161 -7.95 39.76 -14.83
CA GLU A 161 -8.72 40.90 -14.37
C GLU A 161 -10.21 40.72 -14.64
N GLY A 162 -10.57 39.89 -15.63
CA GLY A 162 -11.96 39.73 -16.01
C GLY A 162 -12.56 38.42 -15.52
N THR A 163 -12.29 37.36 -16.27
CA THR A 163 -12.88 36.04 -16.02
C THR A 163 -12.58 35.49 -14.63
N CYS A 164 -11.33 35.60 -14.21
CA CYS A 164 -10.89 35.05 -12.92
C CYS A 164 -11.67 35.75 -11.80
N VAL A 165 -11.80 37.08 -11.88
CA VAL A 165 -12.54 37.85 -10.86
C VAL A 165 -14.05 37.53 -10.90
N GLU A 166 -14.60 37.43 -12.12
CA GLU A 166 -16.00 37.05 -12.31
C GLU A 166 -16.34 35.73 -11.61
N TRP A 167 -15.53 34.71 -11.84
CA TRP A 167 -15.85 33.39 -11.32
C TRP A 167 -15.51 33.30 -9.83
N LEU A 168 -14.49 34.05 -9.40
CA LEU A 168 -14.18 34.06 -7.98
C LEU A 168 -15.37 34.63 -7.22
N ARG A 169 -15.91 35.76 -7.67
CA ARG A 169 -17.11 36.34 -7.04
C ARG A 169 -18.30 35.37 -7.06
N ARG A 170 -18.50 34.68 -8.19
CA ARG A 170 -19.56 33.71 -8.31
C ARG A 170 -19.41 32.60 -7.28
N TYR A 171 -18.19 32.08 -7.13
CA TYR A 171 -17.93 31.00 -6.20
C TYR A 171 -18.15 31.44 -4.75
N LEU A 172 -17.66 32.62 -4.40
CA LEU A 172 -17.86 33.21 -3.07
C LEU A 172 -19.35 33.27 -2.69
N GLU A 173 -20.17 33.61 -3.67
CA GLU A 173 -21.62 33.70 -3.49
C GLU A 173 -22.24 32.33 -3.31
N ASN A 174 -21.98 31.44 -4.26
CA ASN A 174 -22.53 30.07 -4.29
C ASN A 174 -22.07 29.22 -3.12
N GLY A 175 -20.79 29.39 -2.75
CA GLY A 175 -20.21 28.69 -1.61
C GLY A 175 -20.11 29.54 -0.35
N LYS A 176 -20.93 30.58 -0.24
CA LYS A 176 -20.98 31.46 0.94
C LYS A 176 -20.84 30.74 2.29
N GLU A 177 -21.53 29.60 2.45
CA GLU A 177 -21.53 28.94 3.78
C GLU A 177 -20.14 28.39 4.14
N THR A 178 -19.42 27.93 3.14
CA THR A 178 -18.08 27.39 3.26
C THR A 178 -17.00 28.48 3.16
N LEU A 179 -17.10 29.33 2.15
CA LEU A 179 -16.02 30.25 1.83
C LEU A 179 -16.02 31.52 2.63
N GLN A 180 -17.20 32.01 2.99
CA GLN A 180 -17.29 33.29 3.71
C GLN A 180 -17.49 33.04 5.21
N ARG A 181 -16.86 32.00 5.72
CA ARG A 181 -17.03 31.58 7.10
C ARG A 181 -15.70 31.81 7.78
N THR A 182 -15.73 31.96 9.10
CA THR A 182 -14.50 32.01 9.85
C THR A 182 -14.67 31.07 11.06
N ASP A 183 -13.81 30.05 11.21
CA ASP A 183 -13.87 29.17 12.37
C ASP A 183 -12.74 29.58 13.30
N ALA A 184 -13.07 30.09 14.49
CA ALA A 184 -12.07 30.52 15.46
C ALA A 184 -11.37 29.29 16.02
N PRO A 185 -10.05 29.39 16.25
CA PRO A 185 -9.32 28.23 16.76
C PRO A 185 -9.79 27.80 18.15
N LYS A 186 -9.79 26.49 18.37
CA LYS A 186 -10.04 25.96 19.71
C LYS A 186 -8.66 25.71 20.26
N THR A 187 -8.37 26.23 21.46
CA THR A 187 -7.00 26.23 21.95
C THR A 187 -6.82 25.44 23.26
N HIS A 188 -5.60 24.97 23.50
CA HIS A 188 -5.25 24.41 24.81
C HIS A 188 -3.73 24.31 24.87
N MET A 189 -3.22 23.94 26.04
CA MET A 189 -1.78 23.85 26.24
C MET A 189 -1.40 22.50 26.83
N THR A 190 -0.18 22.03 26.55
CA THR A 190 0.34 20.81 27.16
C THR A 190 1.71 21.08 27.77
N HIS A 191 2.09 20.27 28.76
CA HIS A 191 3.34 20.45 29.51
C HIS A 191 4.07 19.12 29.54
N HIS A 192 5.34 19.10 29.11
CA HIS A 192 6.19 17.90 29.14
C HIS A 192 7.53 18.15 29.85
N ALA A 193 7.77 17.39 30.93
CA ALA A 193 9.02 17.51 31.71
C ALA A 193 10.30 17.24 30.93
N GLU A 198 14.18 21.60 33.14
CA GLU A 198 13.56 22.11 31.91
C GLU A 198 12.20 21.46 31.57
N ALA A 199 11.32 22.23 30.94
CA ALA A 199 9.99 21.71 30.56
C ALA A 199 9.51 22.26 29.22
N THR A 200 8.68 21.49 28.51
CA THR A 200 8.11 21.94 27.25
C THR A 200 6.69 22.44 27.48
N LEU A 201 6.44 23.69 27.09
CA LEU A 201 5.08 24.20 27.03
C LEU A 201 4.68 24.24 25.57
N ARG A 202 3.53 23.67 25.22
CA ARG A 202 3.09 23.63 23.80
C ARG A 202 1.71 24.25 23.68
N CYS A 203 1.58 25.24 22.81
CA CYS A 203 0.31 25.94 22.62
C CYS A 203 -0.35 25.42 21.35
N TRP A 204 -1.61 25.00 21.46
CA TRP A 204 -2.39 24.37 20.37
C TRP A 204 -3.55 25.23 19.89
N ALA A 205 -3.76 25.25 18.58
CA ALA A 205 -4.90 25.87 17.93
C ALA A 205 -5.46 24.81 16.98
N LEU A 206 -6.74 24.48 17.14
CA LEU A 206 -7.37 23.46 16.32
C LEU A 206 -8.66 23.96 15.70
N SER A 207 -9.08 23.31 14.63
CA SER A 207 -10.38 23.51 13.99
C SER A 207 -10.61 24.93 13.54
N PHE A 208 -9.55 25.59 13.04
CA PHE A 208 -9.70 26.97 12.57
C PHE A 208 -9.71 27.10 11.05
N TYR A 209 -10.31 28.19 10.60
CA TYR A 209 -10.44 28.51 9.17
C TYR A 209 -10.69 30.03 9.03
N PRO A 210 -9.96 30.71 8.15
CA PRO A 210 -8.95 30.26 7.19
C PRO A 210 -7.66 29.79 7.87
N ALA A 211 -6.69 29.36 7.08
CA ALA A 211 -5.44 28.79 7.62
C ALA A 211 -4.51 29.82 8.29
N GLU A 212 -4.57 31.08 7.85
CA GLU A 212 -3.73 32.17 8.41
C GLU A 212 -3.97 32.30 9.92
N ILE A 213 -2.87 32.22 10.66
CA ILE A 213 -2.87 32.29 12.11
C ILE A 213 -1.52 32.75 12.61
N THR A 214 -1.54 33.37 13.80
CA THR A 214 -0.30 33.69 14.47
C THR A 214 -0.28 33.10 15.88
N LEU A 215 0.70 32.24 16.14
CA LEU A 215 0.99 31.71 17.46
C LEU A 215 2.31 32.25 17.95
N THR A 216 2.31 32.93 19.11
CA THR A 216 3.55 33.47 19.67
C THR A 216 3.69 33.17 21.16
N TRP A 217 4.92 32.91 21.60
CA TRP A 217 5.18 32.78 23.02
C TRP A 217 5.91 34.03 23.54
N GLN A 218 5.57 34.45 24.75
CA GLN A 218 6.28 35.58 25.39
C GLN A 218 6.74 35.14 26.78
N ARG A 219 7.92 35.61 27.18
CA ARG A 219 8.44 35.38 28.52
C ARG A 219 8.47 36.75 29.17
N ASP A 220 7.73 36.91 30.25
CA ASP A 220 7.54 38.21 30.91
C ASP A 220 7.11 39.30 29.87
N GLY A 221 6.29 38.89 28.90
CA GLY A 221 5.75 39.79 27.88
C GLY A 221 6.67 40.11 26.72
N GLU A 222 7.82 39.43 26.65
CA GLU A 222 8.75 39.62 25.52
C GLU A 222 8.68 38.44 24.57
N ASP A 223 8.53 38.73 23.27
CA ASP A 223 8.48 37.68 22.25
C ASP A 223 9.70 36.77 22.29
N GLN A 224 9.47 35.46 22.24
CA GLN A 224 10.55 34.47 22.28
C GLN A 224 10.78 33.89 20.90
N THR A 225 10.97 34.78 19.93
CA THR A 225 10.91 34.40 18.52
C THR A 225 11.97 33.36 18.19
N GLN A 226 13.15 33.51 18.79
CA GLN A 226 14.31 32.70 18.41
C GLN A 226 14.36 31.40 19.19
N ASP A 227 13.36 31.19 20.05
CA ASP A 227 13.36 30.06 20.97
C ASP A 227 12.07 29.26 20.84
N THR A 228 11.14 29.75 20.04
CA THR A 228 9.88 29.05 19.80
C THR A 228 9.99 28.07 18.64
N GLU A 229 9.60 26.82 18.92
CA GLU A 229 9.44 25.78 17.90
C GLU A 229 8.02 25.89 17.31
N LEU A 230 7.94 26.21 16.03
CA LEU A 230 6.65 26.42 15.35
C LEU A 230 6.47 25.38 14.22
N VAL A 231 5.41 24.58 14.26
CA VAL A 231 5.19 23.62 13.15
C VAL A 231 4.42 24.27 12.04
N GLU A 232 4.55 23.68 10.85
CA GLU A 232 3.79 24.11 9.70
C GLU A 232 2.29 23.91 9.97
N THR A 233 1.48 24.89 9.57
CA THR A 233 0.04 24.76 9.66
C THR A 233 -0.40 23.56 8.83
N ARG A 234 -1.28 22.73 9.38
CA ARG A 234 -1.62 21.43 8.77
C ARG A 234 -3.14 21.27 8.68
N PRO A 235 -3.62 20.59 7.62
CA PRO A 235 -5.05 20.38 7.43
C PRO A 235 -5.59 19.30 8.38
N ALA A 236 -6.77 19.50 8.94
CA ALA A 236 -7.36 18.49 9.83
C ALA A 236 -8.03 17.39 8.99
N GLY A 237 -8.40 17.73 7.76
CA GLY A 237 -9.07 16.77 6.88
C GLY A 237 -10.54 17.03 6.73
N ASP A 238 -11.09 17.89 7.58
CA ASP A 238 -12.49 18.25 7.57
C ASP A 238 -12.72 19.69 7.06
N GLY A 239 -11.72 20.26 6.39
CA GLY A 239 -11.80 21.66 5.95
C GLY A 239 -11.23 22.72 6.91
N THR A 240 -10.73 22.30 8.08
CA THR A 240 -10.12 23.20 9.07
C THR A 240 -8.63 22.91 9.19
N PHE A 241 -7.93 23.73 9.98
CA PHE A 241 -6.46 23.67 10.10
C PHE A 241 -6.06 23.59 11.57
N GLN A 242 -4.84 23.13 11.80
CA GLN A 242 -4.28 22.98 13.14
C GLN A 242 -2.85 23.54 13.09
N LYS A 243 -2.34 23.96 14.23
CA LYS A 243 -0.97 24.46 14.39
C LYS A 243 -0.62 24.49 15.87
N TRP A 244 0.67 24.32 16.18
CA TRP A 244 1.18 24.46 17.53
C TRP A 244 2.51 25.20 17.58
N ALA A 245 2.78 25.75 18.76
CA ALA A 245 4.06 26.45 19.03
C ALA A 245 4.53 25.99 20.40
N ALA A 246 5.81 25.71 20.54
CA ALA A 246 6.35 25.19 21.80
C ALA A 246 7.58 25.97 22.23
N VAL A 247 7.78 26.02 23.54
CA VAL A 247 8.97 26.62 24.14
C VAL A 247 9.52 25.74 25.26
N VAL A 248 10.84 25.64 25.29
CA VAL A 248 11.53 24.98 26.40
C VAL A 248 11.77 26.00 27.51
N VAL A 249 11.22 25.68 28.68
CA VAL A 249 11.11 26.61 29.80
C VAL A 249 11.91 26.12 31.00
N PRO A 250 12.69 27.04 31.64
CA PRO A 250 13.30 26.67 32.93
C PRO A 250 12.26 26.08 33.86
N SER A 251 12.53 24.87 34.30
CA SER A 251 11.66 24.17 35.23
C SER A 251 11.32 25.08 36.41
N GLY A 252 10.02 25.24 36.67
CA GLY A 252 9.56 26.12 37.76
C GLY A 252 9.19 27.54 37.34
N GLN A 253 9.56 27.93 36.12
CA GLN A 253 9.31 29.30 35.61
C GLN A 253 8.16 29.45 34.60
N GLU A 254 7.24 28.48 34.59
CA GLU A 254 6.11 28.43 33.64
C GLU A 254 5.17 29.63 33.75
N GLN A 255 5.04 30.18 34.96
CA GLN A 255 4.20 31.36 35.21
C GLN A 255 4.62 32.61 34.40
N ARG A 256 5.87 32.66 33.96
CA ARG A 256 6.39 33.80 33.20
C ARG A 256 5.98 33.78 31.71
N TYR A 257 5.43 32.67 31.26
CA TYR A 257 5.20 32.44 29.84
C TYR A 257 3.73 32.55 29.46
N THR A 258 3.49 33.24 28.33
CA THR A 258 2.14 33.37 27.81
C THR A 258 2.16 33.04 26.32
N CYS A 259 1.13 32.34 25.88
CA CYS A 259 0.93 32.04 24.46
C CYS A 259 -0.15 32.96 23.94
N HIS A 260 0.07 33.53 22.77
CA HIS A 260 -0.85 34.47 22.15
C HIS A 260 -1.31 33.99 20.80
N VAL A 261 -2.64 33.94 20.66
CA VAL A 261 -3.28 33.44 19.46
C VAL A 261 -4.05 34.53 18.73
N GLN A 262 -3.62 34.81 17.50
CA GLN A 262 -4.28 35.77 16.62
C GLN A 262 -4.84 35.06 15.39
N HIS A 263 -6.11 35.30 15.13
CA HIS A 263 -6.83 34.69 14.02
C HIS A 263 -8.07 35.55 13.72
N GLU A 264 -8.39 35.67 12.44
CA GLU A 264 -9.53 36.46 11.94
C GLU A 264 -10.88 36.08 12.60
N GLY A 265 -10.96 34.87 13.16
CA GLY A 265 -12.21 34.33 13.67
C GLY A 265 -12.43 34.62 15.16
N LEU A 266 -11.42 35.21 15.77
CA LEU A 266 -11.47 35.53 17.19
C LEU A 266 -11.94 36.98 17.37
N PRO A 267 -13.01 37.18 18.18
CA PRO A 267 -13.46 38.52 18.54
C PRO A 267 -12.29 39.29 19.14
N LYS A 268 -11.50 38.62 19.99
CA LYS A 268 -10.26 39.21 20.51
C LYS A 268 -9.18 38.13 20.58
N PRO A 269 -7.91 38.51 20.38
CA PRO A 269 -6.78 37.57 20.52
C PRO A 269 -6.85 36.81 21.83
N LEU A 270 -6.33 35.60 21.86
CA LEU A 270 -6.41 34.82 23.08
C LEU A 270 -5.04 34.81 23.75
N THR A 271 -5.06 34.70 25.09
CA THR A 271 -3.86 34.49 25.90
C THR A 271 -4.00 33.18 26.65
N LEU A 272 -3.01 32.33 26.53
CA LEU A 272 -3.03 31.09 27.26
C LEU A 272 -1.87 31.04 28.23
N ARG A 273 -2.13 30.40 29.37
CA ARG A 273 -1.18 30.27 30.47
C ARG A 273 -1.20 28.84 30.98
N TRP A 274 -0.04 28.34 31.38
CA TRP A 274 0.02 27.01 31.99
C TRP A 274 -0.48 27.08 33.43
N GLU A 275 -1.74 26.72 33.63
CA GLU A 275 -2.34 26.74 34.97
C GLU A 275 -3.06 25.42 35.24
N ILE B 1 18.83 20.42 -5.55
CA ILE B 1 17.49 20.69 -6.07
C ILE B 1 16.44 19.87 -5.33
N GLN B 2 16.87 19.13 -4.31
CA GLN B 2 15.97 18.31 -3.52
C GLN B 2 15.67 18.94 -2.17
N ARG B 3 14.45 18.73 -1.68
CA ARG B 3 14.06 19.24 -0.37
C ARG B 3 13.39 18.09 0.39
N THR B 4 13.83 17.91 1.64
CA THR B 4 13.39 16.81 2.48
C THR B 4 12.00 17.08 3.08
N PRO B 5 11.10 16.07 3.07
CA PRO B 5 9.74 16.27 3.62
C PRO B 5 9.71 16.56 5.14
N LYS B 6 8.83 17.47 5.57
CA LYS B 6 8.50 17.59 6.99
C LYS B 6 7.34 16.59 7.19
N ILE B 7 7.31 15.93 8.35
CA ILE B 7 6.32 14.88 8.57
C ILE B 7 5.60 15.16 9.88
N GLN B 8 4.27 15.14 9.84
CA GLN B 8 3.47 15.27 11.05
C GLN B 8 2.40 14.19 11.05
N VAL B 9 2.32 13.46 12.16
CA VAL B 9 1.31 12.38 12.28
C VAL B 9 0.38 12.78 13.42
N TYR B 10 -0.94 12.72 13.18
CA TYR B 10 -1.90 13.29 14.13
C TYR B 10 -3.32 12.89 13.78
N SER B 11 -4.22 13.06 14.72
CA SER B 11 -5.61 12.73 14.46
C SER B 11 -6.40 13.98 14.10
N ARG B 12 -7.46 13.80 13.31
CA ARG B 12 -8.34 14.90 12.91
C ARG B 12 -8.96 15.60 14.13
N HIS B 13 -9.41 14.79 15.10
CA HIS B 13 -10.02 15.27 16.34
C HIS B 13 -9.23 14.77 17.54
N PRO B 14 -9.27 15.50 18.68
CA PRO B 14 -8.66 14.98 19.91
C PRO B 14 -9.03 13.51 20.10
N ALA B 15 -8.02 12.69 20.36
CA ALA B 15 -8.22 11.25 20.47
C ALA B 15 -8.97 10.89 21.76
N GLU B 16 -10.00 10.06 21.60
CA GLU B 16 -10.73 9.46 22.71
C GLU B 16 -10.86 7.95 22.44
N ASN B 17 -10.28 7.16 23.33
CA ASN B 17 -10.31 5.69 23.20
C ASN B 17 -11.69 5.15 22.89
N GLY B 18 -11.82 4.43 21.78
CA GLY B 18 -13.11 3.83 21.39
C GLY B 18 -14.01 4.67 20.52
N LYS B 19 -13.60 5.90 20.19
CA LYS B 19 -14.38 6.76 19.33
C LYS B 19 -13.69 6.91 17.97
N SER B 20 -14.43 6.68 16.88
CA SER B 20 -13.90 6.77 15.53
C SER B 20 -13.33 8.18 15.29
N ASN B 21 -12.38 8.25 14.37
CA ASN B 21 -11.58 9.44 14.17
C ASN B 21 -10.83 9.20 12.85
N PHE B 22 -9.94 10.10 12.50
CA PHE B 22 -9.08 9.87 11.35
C PHE B 22 -7.65 10.09 11.76
N LEU B 23 -6.78 9.21 11.28
CA LEU B 23 -5.35 9.32 11.47
C LEU B 23 -4.75 9.95 10.23
N ASN B 24 -4.03 11.06 10.45
CA ASN B 24 -3.42 11.84 9.37
C ASN B 24 -1.92 11.76 9.36
N CYS B 25 -1.34 11.75 8.16
CA CYS B 25 0.08 11.99 7.99
C CYS B 25 0.23 13.12 6.96
N TYR B 26 0.74 14.25 7.41
CA TYR B 26 0.90 15.39 6.54
C TYR B 26 2.38 15.52 6.20
N VAL B 27 2.70 15.41 4.92
CA VAL B 27 4.05 15.61 4.42
C VAL B 27 4.10 16.91 3.64
N SER B 28 5.10 17.74 3.91
CA SER B 28 5.19 19.03 3.24
C SER B 28 6.62 19.50 3.02
N GLY B 29 6.78 20.46 2.10
CA GLY B 29 8.09 21.08 1.91
C GLY B 29 9.06 20.24 1.15
N PHE B 30 8.57 19.21 0.46
CA PHE B 30 9.44 18.30 -0.26
C PHE B 30 9.46 18.53 -1.77
N HIS B 31 10.53 18.06 -2.39
CA HIS B 31 10.72 18.13 -3.85
C HIS B 31 11.86 17.12 -4.16
N PRO B 32 11.70 16.26 -5.19
CA PRO B 32 10.55 16.08 -6.10
C PRO B 32 9.30 15.51 -5.42
N SER B 33 8.20 15.50 -6.18
CA SER B 33 6.89 15.11 -5.64
C SER B 33 6.78 13.61 -5.39
N ASP B 34 7.67 12.83 -6.00
CA ASP B 34 7.67 11.38 -5.85
C ASP B 34 7.95 11.06 -4.39
N ILE B 35 6.97 10.45 -3.73
CA ILE B 35 7.06 10.19 -2.29
C ILE B 35 6.27 8.93 -1.94
N GLU B 36 6.77 8.19 -0.96
CA GLU B 36 6.06 7.00 -0.47
C GLU B 36 5.63 7.23 0.98
N VAL B 37 4.33 7.16 1.22
CA VAL B 37 3.79 7.38 2.55
C VAL B 37 2.84 6.23 2.94
N ASP B 38 3.15 5.61 4.08
CA ASP B 38 2.34 4.54 4.66
C ASP B 38 1.92 4.89 6.06
N LEU B 39 0.71 4.51 6.41
CA LEU B 39 0.24 4.61 7.78
C LEU B 39 0.35 3.21 8.39
N LEU B 40 0.94 3.14 9.58
CA LEU B 40 1.16 1.85 10.26
C LEU B 40 0.28 1.72 11.50
N LYS B 41 -0.24 0.50 11.69
CA LYS B 41 -0.92 0.13 12.94
C LYS B 41 -0.06 -0.97 13.56
N ASN B 42 0.48 -0.70 14.74
CA ASN B 42 1.37 -1.64 15.42
C ASN B 42 2.44 -2.21 14.48
N GLY B 43 3.08 -1.33 13.72
CA GLY B 43 4.18 -1.74 12.84
C GLY B 43 3.79 -2.30 11.48
N GLU B 44 2.50 -2.47 11.23
CA GLU B 44 2.04 -3.07 9.98
C GLU B 44 1.33 -2.02 9.11
N ARG B 45 1.61 -2.05 7.80
CA ARG B 45 0.94 -1.16 6.83
C ARG B 45 -0.59 -1.27 6.83
N ILE B 46 -1.25 -0.13 6.97
CA ILE B 46 -2.69 -0.03 6.85
C ILE B 46 -3.07 0.00 5.35
N GLU B 47 -4.09 -0.80 5.00
CA GLU B 47 -4.47 -1.04 3.61
C GLU B 47 -5.27 0.11 3.00
N LYS B 48 -6.34 0.52 3.66
CA LYS B 48 -7.22 1.51 3.04
C LYS B 48 -6.77 2.93 3.41
N VAL B 49 -5.76 3.41 2.69
CA VAL B 49 -5.27 4.77 2.93
C VAL B 49 -5.54 5.67 1.73
N GLU B 50 -6.12 6.83 2.02
CA GLU B 50 -6.40 7.85 1.00
C GLU B 50 -5.45 9.01 1.15
N HIS B 51 -5.37 9.85 0.11
CA HIS B 51 -4.51 11.00 0.15
C HIS B 51 -5.11 12.14 -0.67
N SER B 52 -4.70 13.36 -0.33
CA SER B 52 -5.18 14.54 -1.04
C SER B 52 -4.54 14.64 -2.43
N ASP B 53 -5.07 15.52 -3.27
CA ASP B 53 -4.51 15.74 -4.60
C ASP B 53 -3.29 16.61 -4.46
N LEU B 54 -2.24 16.21 -5.17
CA LEU B 54 -0.96 16.91 -5.14
C LEU B 54 -1.07 18.40 -5.39
N SER B 55 -0.54 19.18 -4.47
CA SER B 55 -0.53 20.65 -4.61
C SER B 55 0.80 21.11 -4.05
N PHE B 56 1.05 22.42 -4.09
CA PHE B 56 2.33 22.95 -3.67
C PHE B 56 2.25 24.36 -3.14
N SER B 57 3.33 24.76 -2.48
CA SER B 57 3.39 26.03 -1.78
C SER B 57 4.03 27.11 -2.64
N LYS B 58 4.11 28.31 -2.07
CA LYS B 58 4.68 29.49 -2.73
C LYS B 58 6.11 29.22 -3.21
N ASP B 59 6.88 28.45 -2.44
CA ASP B 59 8.27 28.10 -2.81
C ASP B 59 8.36 26.89 -3.75
N TRP B 60 7.21 26.42 -4.28
CA TRP B 60 7.13 25.29 -5.23
C TRP B 60 7.19 23.90 -4.53
N SER B 61 7.52 23.88 -3.24
CA SER B 61 7.65 22.58 -2.54
C SER B 61 6.23 21.96 -2.40
N PHE B 62 6.17 20.62 -2.41
CA PHE B 62 4.88 19.90 -2.40
C PHE B 62 4.34 19.55 -1.03
N TYR B 63 3.04 19.33 -0.96
CA TYR B 63 2.42 18.85 0.26
C TYR B 63 1.26 17.89 -0.06
N LEU B 64 1.08 16.92 0.83
CA LEU B 64 0.09 15.87 0.67
C LEU B 64 -0.39 15.46 2.05
N LEU B 65 -1.69 15.19 2.16
CA LEU B 65 -2.26 14.59 3.36
C LEU B 65 -2.66 13.14 3.06
N TYR B 66 -2.17 12.20 3.84
CA TYR B 66 -2.63 10.82 3.79
C TYR B 66 -3.45 10.58 5.02
N TYR B 67 -4.56 9.87 4.87
CA TYR B 67 -5.49 9.70 6.00
C TYR B 67 -6.25 8.38 5.95
N THR B 68 -6.76 7.97 7.11
CA THR B 68 -7.51 6.73 7.22
C THR B 68 -8.41 6.83 8.44
N GLU B 69 -9.60 6.24 8.36
CA GLU B 69 -10.49 6.17 9.54
C GLU B 69 -9.84 5.22 10.56
N PHE B 70 -9.93 5.56 11.84
CA PHE B 70 -9.42 4.70 12.91
C PHE B 70 -10.12 4.96 14.25
N THR B 71 -10.09 3.97 15.12
CA THR B 71 -10.64 4.11 16.44
C THR B 71 -9.49 3.87 17.39
N PRO B 72 -8.97 4.94 18.03
CA PRO B 72 -7.84 4.79 18.93
C PRO B 72 -8.22 3.94 20.16
N THR B 73 -7.24 3.23 20.68
CA THR B 73 -7.38 2.44 21.90
C THR B 73 -6.19 2.79 22.79
N GLU B 74 -6.24 2.34 24.04
CA GLU B 74 -5.11 2.54 24.95
C GLU B 74 -3.77 1.97 24.43
N LYS B 75 -3.78 0.78 23.82
CA LYS B 75 -2.52 0.09 23.55
C LYS B 75 -2.06 -0.03 22.10
N ASP B 76 -2.96 0.19 21.14
CA ASP B 76 -2.55 0.15 19.74
C ASP B 76 -1.69 1.36 19.38
N GLU B 77 -0.55 1.08 18.74
CA GLU B 77 0.36 2.13 18.32
C GLU B 77 0.15 2.45 16.86
N TYR B 78 0.31 3.72 16.50
CA TYR B 78 0.17 4.16 15.12
C TYR B 78 1.38 5.02 14.73
N ALA B 79 1.72 4.99 13.43
CA ALA B 79 2.87 5.72 12.91
C ALA B 79 2.70 6.09 11.43
N CYS B 80 3.56 6.96 10.95
CA CYS B 80 3.62 7.26 9.54
C CYS B 80 5.03 6.91 9.09
N ARG B 81 5.14 6.22 7.96
CA ARG B 81 6.43 5.80 7.44
C ARG B 81 6.61 6.46 6.09
N VAL B 82 7.69 7.21 5.95
CA VAL B 82 7.87 8.04 4.75
C VAL B 82 9.22 7.74 4.11
N ASN B 83 9.20 7.47 2.81
CA ASN B 83 10.43 7.35 2.05
C ASN B 83 10.46 8.35 0.89
N HIS B 84 11.64 8.90 0.66
CA HIS B 84 11.84 9.96 -0.32
C HIS B 84 13.33 9.97 -0.69
N VAL B 85 13.65 10.47 -1.88
CA VAL B 85 15.05 10.45 -2.36
C VAL B 85 16.02 11.18 -1.41
N THR B 86 15.53 12.14 -0.65
CA THR B 86 16.37 12.88 0.28
C THR B 86 16.70 12.06 1.54
N LEU B 87 16.05 10.90 1.70
CA LEU B 87 16.21 10.03 2.88
C LEU B 87 17.09 8.80 2.64
N SER B 88 17.98 8.52 3.59
CA SER B 88 18.84 7.34 3.52
C SER B 88 18.10 6.06 3.86
N GLN B 89 17.12 6.19 4.74
CA GLN B 89 16.25 5.09 5.13
C GLN B 89 14.85 5.67 5.41
N PRO B 90 13.79 4.82 5.37
CA PRO B 90 12.46 5.35 5.64
C PRO B 90 12.40 5.97 7.03
N LYS B 91 11.73 7.10 7.14
CA LYS B 91 11.61 7.76 8.44
C LYS B 91 10.28 7.33 9.03
N ILE B 92 10.29 6.84 10.27
CA ILE B 92 9.05 6.46 10.94
C ILE B 92 8.76 7.43 12.08
N VAL B 93 7.57 8.04 12.03
CA VAL B 93 7.20 9.01 13.02
C VAL B 93 5.99 8.43 13.74
N LYS B 94 6.16 8.15 15.03
CA LYS B 94 5.07 7.54 15.79
C LYS B 94 4.02 8.57 16.20
N TRP B 95 2.75 8.18 16.18
CA TRP B 95 1.67 9.05 16.64
C TRP B 95 1.76 9.22 18.14
N ASP B 96 1.75 10.48 18.60
CA ASP B 96 1.79 10.79 20.03
C ASP B 96 0.62 11.67 20.35
N ARG B 97 -0.46 11.05 20.82
CA ARG B 97 -1.68 11.77 21.12
C ARG B 97 -1.49 12.82 22.23
N ASP B 98 -0.52 12.60 23.13
CA ASP B 98 -0.27 13.50 24.28
C ASP B 98 0.61 14.71 23.94
N MET B 99 1.06 14.79 22.70
CA MET B 99 1.92 15.89 22.23
C MET B 99 1.13 17.21 22.25
N CYS C 1 -12.70 28.69 -12.32
CA CYS C 1 -12.71 28.31 -13.75
C CYS C 1 -11.28 28.43 -14.28
N LEU C 2 -10.89 27.45 -15.10
CA LEU C 2 -9.53 27.43 -15.70
C LEU C 2 -9.33 28.56 -16.69
N GLY C 3 -8.09 29.03 -16.81
CA GLY C 3 -7.70 29.84 -17.96
C GLY C 3 -7.85 28.99 -19.21
N GLY C 4 -8.44 29.55 -20.27
CA GLY C 4 -8.56 28.82 -21.57
C GLY C 4 -7.44 29.04 -22.58
N LEU C 5 -6.46 29.86 -22.21
CA LEU C 5 -5.35 30.15 -23.12
C LEU C 5 -4.27 29.10 -23.05
N LEU C 6 -3.95 28.48 -24.20
CA LEU C 6 -2.83 27.55 -24.34
C LEU C 6 -1.51 28.27 -24.59
N THR C 7 -0.49 27.95 -23.79
CA THR C 7 0.84 28.54 -23.93
C THR C 7 1.83 27.41 -23.71
N MET C 8 3.01 27.57 -24.28
CA MET C 8 4.06 26.61 -24.22
C MET C 8 5.39 27.33 -24.11
N VAL C 9 6.25 26.86 -23.21
CA VAL C 9 7.55 27.54 -22.95
C VAL C 9 8.51 27.43 -24.15
N GLY D 1 20.23 -18.18 -1.80
CA GLY D 1 20.62 -17.55 -3.10
C GLY D 1 19.92 -18.08 -4.34
N SER D 2 19.32 -19.28 -4.24
CA SER D 2 18.52 -19.89 -5.35
C SER D 2 17.12 -19.37 -5.22
N HIS D 3 16.40 -19.34 -6.33
CA HIS D 3 15.08 -18.75 -6.36
C HIS D 3 14.19 -19.49 -7.34
N SER D 4 12.88 -19.28 -7.19
CA SER D 4 11.90 -19.96 -8.03
C SER D 4 10.72 -19.03 -8.32
N MET D 5 10.09 -19.24 -9.45
CA MET D 5 8.81 -18.61 -9.78
C MET D 5 7.91 -19.78 -10.10
N ARG D 6 6.73 -19.80 -9.48
CA ARG D 6 5.78 -20.93 -9.68
C ARG D 6 4.34 -20.44 -9.78
N TYR D 7 3.57 -21.05 -10.67
CA TYR D 7 2.13 -20.79 -10.77
C TYR D 7 1.40 -22.08 -10.41
N PHE D 8 0.26 -21.92 -9.73
CA PHE D 8 -0.57 -23.05 -9.30
C PHE D 8 -1.95 -22.74 -9.78
N PHE D 9 -2.49 -23.63 -10.60
CA PHE D 9 -3.88 -23.45 -11.10
C PHE D 9 -4.70 -24.55 -10.43
N THR D 10 -5.92 -24.21 -10.06
CA THR D 10 -6.86 -25.20 -9.52
C THR D 10 -8.23 -24.93 -10.13
N SER D 11 -8.86 -25.94 -10.74
CA SER D 11 -10.24 -25.72 -11.22
C SER D 11 -11.12 -26.83 -10.67
N VAL D 12 -12.26 -26.44 -10.14
CA VAL D 12 -13.16 -27.42 -9.48
C VAL D 12 -14.56 -27.32 -10.09
N SER D 13 -15.07 -28.43 -10.65
CA SER D 13 -16.40 -28.42 -11.25
C SER D 13 -17.47 -28.41 -10.15
N ARG D 14 -18.64 -27.89 -10.47
CA ARG D 14 -19.74 -27.78 -9.49
C ARG D 14 -21.03 -27.88 -10.34
N PRO D 15 -21.26 -29.08 -10.87
CA PRO D 15 -22.38 -29.34 -11.76
C PRO D 15 -23.72 -28.89 -11.16
N GLY D 16 -24.49 -28.19 -11.95
CA GLY D 16 -25.74 -27.65 -11.45
C GLY D 16 -25.58 -26.36 -10.70
N ARG D 17 -24.35 -25.91 -10.47
CA ARG D 17 -24.08 -24.66 -9.74
C ARG D 17 -23.14 -23.72 -10.48
N GLY D 18 -23.12 -23.81 -11.81
CA GLY D 18 -22.38 -22.88 -12.65
C GLY D 18 -21.11 -23.50 -13.19
N GLU D 19 -20.26 -22.66 -13.79
CA GLU D 19 -19.01 -23.13 -14.39
C GLU D 19 -18.03 -23.50 -13.27
N PRO D 20 -17.02 -24.34 -13.58
CA PRO D 20 -16.05 -24.65 -12.54
C PRO D 20 -15.39 -23.39 -11.99
N ARG D 21 -15.10 -23.36 -10.70
CA ARG D 21 -14.36 -22.25 -10.12
C ARG D 21 -12.89 -22.46 -10.44
N PHE D 22 -12.25 -21.43 -11.00
CA PHE D 22 -10.83 -21.50 -11.40
C PHE D 22 -10.02 -20.51 -10.56
N ILE D 23 -8.97 -20.97 -9.90
CA ILE D 23 -8.12 -20.08 -9.07
C ILE D 23 -6.72 -20.26 -9.61
N ALA D 24 -6.02 -19.14 -9.84
CA ALA D 24 -4.60 -19.17 -10.19
C ALA D 24 -3.85 -18.30 -9.20
N VAL D 25 -2.68 -18.77 -8.77
CA VAL D 25 -1.85 -17.99 -7.82
C VAL D 25 -0.41 -18.08 -8.32
N GLY D 26 0.35 -16.97 -8.24
CA GLY D 26 1.75 -16.99 -8.63
C GLY D 26 2.66 -16.64 -7.44
N TYR D 27 3.78 -17.35 -7.32
CA TYR D 27 4.75 -17.14 -6.25
C TYR D 27 6.14 -16.92 -6.78
N VAL D 28 6.90 -16.08 -6.08
CA VAL D 28 8.38 -16.07 -6.27
C VAL D 28 8.85 -16.55 -4.92
N ASP D 29 9.57 -17.67 -4.91
CA ASP D 29 10.01 -18.30 -3.66
C ASP D 29 8.78 -18.52 -2.80
N ASP D 30 8.81 -18.01 -1.57
CA ASP D 30 7.71 -18.15 -0.62
C ASP D 30 6.77 -16.95 -0.54
N THR D 31 6.82 -16.08 -1.54
CA THR D 31 6.01 -14.87 -1.55
C THR D 31 4.97 -14.93 -2.68
N GLN D 32 3.70 -14.89 -2.31
CA GLN D 32 2.63 -14.80 -3.33
C GLN D 32 2.62 -13.40 -3.95
N PHE D 33 2.52 -13.30 -5.27
CA PHE D 33 2.51 -11.97 -5.89
C PHE D 33 1.33 -11.66 -6.80
N VAL D 34 0.61 -12.70 -7.25
CA VAL D 34 -0.58 -12.47 -8.07
C VAL D 34 -1.66 -13.50 -7.77
N ARG D 35 -2.90 -13.16 -8.13
CA ARG D 35 -4.01 -14.10 -7.98
C ARG D 35 -5.05 -13.82 -9.04
N PHE D 36 -5.83 -14.85 -9.36
CA PHE D 36 -7.04 -14.72 -10.18
C PHE D 36 -8.06 -15.70 -9.61
N ASP D 37 -9.30 -15.23 -9.45
CA ASP D 37 -10.40 -16.09 -8.99
C ASP D 37 -11.59 -15.84 -9.90
N SER D 38 -11.99 -16.88 -10.62
CA SER D 38 -13.08 -16.79 -11.60
C SER D 38 -14.41 -16.28 -11.00
N ASP D 39 -14.56 -16.41 -9.69
CA ASP D 39 -15.76 -15.98 -8.99
C ASP D 39 -15.69 -14.54 -8.51
N ALA D 40 -14.48 -13.99 -8.43
CA ALA D 40 -14.35 -12.61 -7.93
C ALA D 40 -14.96 -11.57 -8.89
N ALA D 41 -15.25 -10.38 -8.35
CA ALA D 41 -15.88 -9.27 -9.10
C ALA D 41 -14.98 -8.67 -10.19
N SER D 42 -13.69 -8.54 -9.91
CA SER D 42 -12.76 -7.84 -10.85
C SER D 42 -12.65 -8.50 -12.22
N GLN D 43 -12.70 -9.83 -12.22
CA GLN D 43 -12.46 -10.64 -13.42
C GLN D 43 -11.09 -10.33 -14.02
N ARG D 44 -10.14 -9.99 -13.15
CA ARG D 44 -8.81 -9.62 -13.61
C ARG D 44 -7.75 -10.30 -12.76
N MET D 45 -6.57 -10.46 -13.33
CA MET D 45 -5.40 -10.84 -12.54
C MET D 45 -5.18 -9.68 -11.57
N GLU D 46 -4.89 -9.99 -10.31
CA GLU D 46 -4.72 -8.97 -9.27
C GLU D 46 -3.36 -9.07 -8.57
N PRO D 47 -2.79 -7.93 -8.14
CA PRO D 47 -1.54 -7.89 -7.36
C PRO D 47 -1.74 -8.36 -5.92
N ARG D 48 -0.77 -9.08 -5.39
CA ARG D 48 -0.82 -9.54 -4.00
C ARG D 48 0.53 -9.25 -3.34
N ALA D 49 1.42 -8.60 -4.07
CA ALA D 49 2.70 -8.13 -3.54
C ALA D 49 2.96 -6.67 -3.97
N PRO D 50 3.49 -5.82 -3.05
CA PRO D 50 3.78 -4.41 -3.42
C PRO D 50 4.59 -4.23 -4.71
N TRP D 51 5.63 -5.03 -4.90
CA TRP D 51 6.55 -4.82 -6.02
C TRP D 51 5.94 -5.07 -7.41
N ILE D 52 4.89 -5.90 -7.47
CA ILE D 52 4.26 -6.21 -8.76
C ILE D 52 3.35 -5.06 -9.21
N GLU D 53 2.93 -4.22 -8.26
CA GLU D 53 2.08 -3.07 -8.56
C GLU D 53 2.76 -2.00 -9.42
N GLN D 54 4.09 -2.07 -9.54
CA GLN D 54 4.84 -1.20 -10.44
C GLN D 54 4.39 -1.45 -11.88
N GLU D 55 4.19 -2.74 -12.22
CA GLU D 55 3.85 -3.12 -13.59
C GLU D 55 2.70 -2.31 -14.14
N GLY D 56 2.82 -1.93 -15.40
CA GLY D 56 1.81 -1.11 -16.03
C GLY D 56 0.55 -1.85 -16.51
N PRO D 57 -0.40 -1.09 -17.06
CA PRO D 57 -1.64 -1.64 -17.60
C PRO D 57 -1.40 -2.78 -18.58
N GLU D 58 -0.38 -2.70 -19.42
CA GLU D 58 -0.10 -3.76 -20.39
C GLU D 58 0.11 -5.13 -19.71
N TYR D 59 0.77 -5.11 -18.55
CA TYR D 59 1.02 -6.32 -17.78
C TYR D 59 -0.31 -6.90 -17.33
N TRP D 60 -1.10 -6.10 -16.62
CA TRP D 60 -2.38 -6.57 -16.08
C TRP D 60 -3.36 -6.99 -17.17
N ASP D 61 -3.39 -6.24 -18.27
CA ASP D 61 -4.28 -6.60 -19.40
C ASP D 61 -3.90 -7.96 -20.02
N GLY D 62 -2.61 -8.16 -20.24
CA GLY D 62 -2.06 -9.37 -20.85
C GLY D 62 -2.25 -10.57 -19.93
N GLU D 63 -1.89 -10.41 -18.65
CA GLU D 63 -2.05 -11.46 -17.66
C GLU D 63 -3.53 -11.84 -17.47
N THR D 64 -4.40 -10.84 -17.51
CA THR D 64 -5.85 -11.10 -17.48
C THR D 64 -6.32 -11.91 -18.68
N ARG D 65 -5.95 -11.49 -19.90
CA ARG D 65 -6.28 -12.25 -21.10
C ARG D 65 -5.82 -13.70 -21.00
N LYS D 66 -4.58 -13.89 -20.54
CA LYS D 66 -4.00 -15.23 -20.49
C LYS D 66 -4.70 -16.09 -19.45
N VAL D 67 -4.89 -15.53 -18.27
CA VAL D 67 -5.45 -16.32 -17.18
C VAL D 67 -6.95 -16.69 -17.47
N LYS D 68 -7.67 -15.80 -18.14
CA LYS D 68 -9.05 -16.09 -18.52
C LYS D 68 -9.10 -17.24 -19.53
N ALA D 69 -8.14 -17.27 -20.45
CA ALA D 69 -8.11 -18.33 -21.45
C ALA D 69 -7.74 -19.64 -20.75
N HIS D 70 -6.80 -19.58 -19.81
CA HIS D 70 -6.46 -20.80 -19.08
C HIS D 70 -7.66 -21.30 -18.26
N SER D 71 -8.47 -20.36 -17.75
CA SER D 71 -9.67 -20.73 -17.03
C SER D 71 -10.56 -21.59 -17.93
N GLN D 72 -10.72 -21.17 -19.19
CA GLN D 72 -11.56 -21.90 -20.14
C GLN D 72 -11.00 -23.25 -20.55
N THR D 73 -9.69 -23.33 -20.78
CA THR D 73 -9.12 -24.61 -21.21
C THR D 73 -9.22 -25.65 -20.06
N HIS D 74 -9.05 -25.23 -18.81
CA HIS D 74 -9.16 -26.18 -17.69
C HIS D 74 -10.59 -26.61 -17.44
N ARG D 75 -11.52 -25.75 -17.80
CA ARG D 75 -12.96 -26.12 -17.82
C ARG D 75 -13.17 -27.23 -18.84
N VAL D 76 -12.62 -27.05 -20.04
CA VAL D 76 -12.65 -28.09 -21.09
C VAL D 76 -12.04 -29.39 -20.60
N ASP D 77 -10.89 -29.28 -19.93
CA ASP D 77 -10.20 -30.47 -19.39
C ASP D 77 -11.04 -31.28 -18.40
N LEU D 78 -11.75 -30.60 -17.51
CA LEU D 78 -12.64 -31.33 -16.60
C LEU D 78 -13.64 -32.18 -17.36
N GLY D 79 -14.22 -31.65 -18.42
CA GLY D 79 -15.13 -32.44 -19.30
C GLY D 79 -14.42 -33.60 -19.95
N THR D 80 -13.21 -33.34 -20.44
CA THR D 80 -12.40 -34.37 -21.13
C THR D 80 -12.07 -35.52 -20.21
N LEU D 81 -11.63 -35.19 -19.01
CA LEU D 81 -11.21 -36.16 -18.01
C LEU D 81 -12.39 -36.98 -17.48
N ARG D 82 -13.53 -36.32 -17.29
CA ARG D 82 -14.75 -37.05 -16.94
C ARG D 82 -15.04 -38.13 -17.97
N GLY D 83 -14.84 -37.77 -19.24
CA GLY D 83 -14.99 -38.73 -20.34
C GLY D 83 -13.93 -39.80 -20.38
N TYR D 84 -12.65 -39.44 -20.22
CA TYR D 84 -11.61 -40.46 -20.19
C TYR D 84 -11.85 -41.55 -19.11
N TYR D 85 -12.34 -41.13 -17.95
CA TYR D 85 -12.57 -42.05 -16.81
C TYR D 85 -14.02 -42.53 -16.67
N ASN D 86 -14.87 -42.22 -17.65
CA ASN D 86 -16.27 -42.66 -17.67
C ASN D 86 -16.97 -42.30 -16.36
N GLN D 87 -16.86 -41.06 -15.95
CA GLN D 87 -17.48 -40.58 -14.72
C GLN D 87 -18.75 -39.80 -15.00
N SER D 88 -19.63 -39.77 -13.99
CA SER D 88 -20.92 -39.10 -14.13
C SER D 88 -20.75 -37.56 -14.26
N GLU D 89 -21.63 -36.92 -15.03
CA GLU D 89 -21.66 -35.45 -15.08
C GLU D 89 -22.12 -34.80 -13.77
N ALA D 90 -22.61 -35.62 -12.84
CA ALA D 90 -23.21 -35.12 -11.62
C ALA D 90 -22.22 -34.76 -10.54
N GLY D 91 -21.00 -35.28 -10.61
CA GLY D 91 -20.06 -35.13 -9.46
C GLY D 91 -19.03 -34.04 -9.68
N SER D 92 -18.46 -33.54 -8.57
CA SER D 92 -17.42 -32.46 -8.61
C SER D 92 -16.05 -33.11 -8.72
N HIS D 93 -15.20 -32.58 -9.62
CA HIS D 93 -13.85 -33.11 -9.78
C HIS D 93 -12.89 -31.93 -9.80
N THR D 94 -11.60 -32.23 -9.69
CA THR D 94 -10.57 -31.18 -9.63
C THR D 94 -9.48 -31.42 -10.66
N VAL D 95 -9.01 -30.33 -11.29
CA VAL D 95 -7.77 -30.36 -12.06
C VAL D 95 -6.81 -29.38 -11.44
N GLN D 96 -5.53 -29.75 -11.42
CA GLN D 96 -4.49 -28.85 -10.87
C GLN D 96 -3.33 -28.89 -11.82
N ARG D 97 -2.71 -27.74 -12.03
CA ARG D 97 -1.55 -27.64 -12.90
C ARG D 97 -0.56 -26.79 -12.15
N MET D 98 0.70 -27.22 -12.10
CA MET D 98 1.73 -26.39 -11.49
C MET D 98 2.91 -26.37 -12.42
N TYR D 99 3.53 -25.20 -12.59
CA TYR D 99 4.75 -25.07 -13.39
C TYR D 99 5.63 -23.93 -12.89
N GLY D 100 6.87 -23.87 -13.40
CA GLY D 100 7.74 -22.81 -12.94
C GLY D 100 9.19 -23.20 -13.22
N CYS D 101 10.10 -22.33 -12.81
CA CYS D 101 11.49 -22.49 -13.11
C CYS D 101 12.22 -22.14 -11.83
N ASP D 102 13.37 -22.77 -11.65
CA ASP D 102 14.32 -22.45 -10.57
C ASP D 102 15.61 -21.94 -11.20
N VAL D 103 16.26 -20.99 -10.52
CA VAL D 103 17.58 -20.53 -10.96
C VAL D 103 18.56 -20.75 -9.81
N GLY D 104 19.83 -20.94 -10.13
CA GLY D 104 20.88 -21.05 -9.10
C GLY D 104 21.29 -19.69 -8.53
N SER D 105 22.37 -19.67 -7.73
CA SER D 105 22.82 -18.45 -7.07
C SER D 105 23.32 -17.41 -8.11
N ASP D 106 23.61 -17.90 -9.31
CA ASP D 106 24.05 -17.16 -10.50
C ASP D 106 22.85 -16.63 -11.35
N TRP D 107 21.65 -16.95 -10.87
CA TRP D 107 20.38 -16.54 -11.49
C TRP D 107 20.19 -17.03 -12.91
N ARG D 108 20.89 -18.11 -13.22
CA ARG D 108 20.75 -18.77 -14.50
C ARG D 108 19.84 -19.97 -14.30
N PHE D 109 19.09 -20.31 -15.35
CA PHE D 109 18.20 -21.47 -15.38
C PHE D 109 18.85 -22.73 -14.80
N LEU D 110 18.18 -23.31 -13.81
CA LEU D 110 18.63 -24.57 -13.20
C LEU D 110 17.72 -25.74 -13.56
N ARG D 111 16.41 -25.53 -13.39
CA ARG D 111 15.44 -26.56 -13.71
C ARG D 111 14.08 -25.94 -14.00
N GLY D 112 13.24 -26.72 -14.67
CA GLY D 112 11.89 -26.28 -15.05
C GLY D 112 10.97 -27.45 -14.80
N TYR D 113 9.68 -27.16 -14.60
CA TYR D 113 8.74 -28.22 -14.28
C TYR D 113 7.35 -27.77 -14.75
N HIS D 114 6.54 -28.75 -15.06
CA HIS D 114 5.17 -28.53 -15.56
C HIS D 114 4.43 -29.84 -15.35
N GLN D 115 3.56 -29.85 -14.34
CA GLN D 115 2.87 -31.06 -13.92
C GLN D 115 1.36 -30.81 -13.83
N TYR D 116 0.60 -31.88 -14.03
CA TYR D 116 -0.86 -31.82 -14.03
C TYR D 116 -1.38 -32.98 -13.18
N ALA D 117 -2.45 -32.71 -12.43
CA ALA D 117 -3.10 -33.74 -11.61
C ALA D 117 -4.61 -33.70 -11.77
N TYR D 118 -5.24 -34.89 -11.65
CA TYR D 118 -6.67 -35.01 -11.69
C TYR D 118 -7.14 -35.64 -10.41
N ASP D 119 -8.07 -34.94 -9.73
CA ASP D 119 -8.60 -35.36 -8.43
C ASP D 119 -7.49 -35.69 -7.43
N GLY D 120 -6.48 -34.82 -7.42
CA GLY D 120 -5.41 -34.90 -6.41
C GLY D 120 -4.35 -35.96 -6.61
N LYS D 121 -4.35 -36.60 -7.77
CA LYS D 121 -3.36 -37.60 -8.13
C LYS D 121 -2.61 -37.20 -9.39
N ASP D 122 -1.32 -37.56 -9.46
CA ASP D 122 -0.50 -37.34 -10.66
C ASP D 122 -1.25 -37.78 -11.92
N TYR D 123 -1.25 -36.94 -12.95
CA TYR D 123 -1.85 -37.25 -14.22
C TYR D 123 -0.76 -37.30 -15.32
N ILE D 124 -0.14 -36.17 -15.62
CA ILE D 124 0.96 -36.14 -16.57
C ILE D 124 1.95 -35.05 -16.11
N ALA D 125 3.23 -35.25 -16.40
CA ALA D 125 4.25 -34.31 -15.95
C ALA D 125 5.38 -34.33 -16.98
N LEU D 126 5.91 -33.14 -17.24
CA LEU D 126 7.08 -32.96 -18.07
C LEU D 126 8.28 -33.45 -17.26
N LYS D 127 9.14 -34.26 -17.88
CA LYS D 127 10.35 -34.72 -17.22
C LYS D 127 11.38 -33.59 -17.16
N GLU D 128 12.43 -33.77 -16.37
CA GLU D 128 13.40 -32.71 -16.14
C GLU D 128 14.16 -32.31 -17.39
N ASP D 129 14.24 -33.22 -18.37
CA ASP D 129 14.91 -32.89 -19.65
C ASP D 129 14.07 -31.92 -20.50
N LEU D 130 12.83 -31.66 -20.06
CA LEU D 130 11.89 -30.74 -20.76
C LEU D 130 11.62 -31.17 -22.20
N ARG D 131 11.74 -32.48 -22.43
CA ARG D 131 11.58 -33.05 -23.74
C ARG D 131 10.59 -34.18 -23.77
N SER D 132 10.32 -34.79 -22.62
CA SER D 132 9.48 -35.98 -22.60
C SER D 132 8.52 -35.94 -21.42
N TRP D 133 7.50 -36.78 -21.50
CA TRP D 133 6.41 -36.78 -20.51
C TRP D 133 6.30 -38.07 -19.73
N THR D 134 5.82 -37.98 -18.50
CA THR D 134 5.52 -39.16 -17.71
C THR D 134 4.01 -39.20 -17.55
N ALA D 135 3.39 -40.26 -18.06
CA ALA D 135 1.95 -40.46 -17.94
C ALA D 135 1.64 -41.43 -16.80
N ALA D 136 0.86 -40.94 -15.82
CA ALA D 136 0.61 -41.70 -14.59
C ALA D 136 -0.18 -42.98 -14.83
N ASP D 137 -1.00 -43.02 -15.90
CA ASP D 137 -1.87 -44.17 -16.26
C ASP D 137 -2.30 -44.23 -17.73
N MET D 138 -3.28 -45.07 -18.05
CA MET D 138 -3.75 -45.24 -19.44
C MET D 138 -4.45 -44.04 -20.04
N ALA D 139 -5.27 -43.34 -19.25
CA ALA D 139 -5.91 -42.15 -19.74
C ALA D 139 -4.85 -41.08 -20.07
N ALA D 140 -3.84 -40.95 -19.20
CA ALA D 140 -2.78 -39.96 -19.39
C ALA D 140 -1.95 -40.23 -20.63
N GLN D 141 -1.91 -41.49 -21.08
CA GLN D 141 -1.22 -41.84 -22.34
C GLN D 141 -1.84 -41.18 -23.55
N THR D 142 -3.16 -41.08 -23.55
CA THR D 142 -3.86 -40.32 -24.57
C THR D 142 -3.37 -38.86 -24.64
N THR D 143 -3.35 -38.21 -23.47
CA THR D 143 -2.83 -36.83 -23.36
C THR D 143 -1.37 -36.80 -23.81
N LYS D 144 -0.58 -37.77 -23.34
CA LYS D 144 0.83 -37.81 -23.71
C LYS D 144 1.04 -37.86 -25.21
N HIS D 145 0.33 -38.78 -25.90
CA HIS D 145 0.45 -38.91 -27.35
C HIS D 145 -0.01 -37.62 -28.04
N LYS D 146 -1.08 -37.02 -27.53
CA LYS D 146 -1.61 -35.76 -28.05
C LYS D 146 -0.57 -34.62 -27.95
N TRP D 147 0.04 -34.49 -26.78
CA TRP D 147 1.02 -33.41 -26.56
C TRP D 147 2.36 -33.66 -27.27
N GLU D 148 2.74 -34.92 -27.46
CA GLU D 148 3.92 -35.23 -28.31
C GLU D 148 3.69 -34.79 -29.76
N ALA D 149 2.55 -35.17 -30.32
CA ALA D 149 2.24 -34.90 -31.71
C ALA D 149 2.14 -33.40 -31.93
N ALA D 150 1.63 -32.68 -30.92
CA ALA D 150 1.47 -31.21 -30.97
C ALA D 150 2.75 -30.43 -30.60
N HIS D 151 3.80 -31.16 -30.27
CA HIS D 151 5.10 -30.57 -29.86
C HIS D 151 4.92 -29.58 -28.73
N VAL D 152 4.10 -29.98 -27.76
CA VAL D 152 3.82 -29.14 -26.62
C VAL D 152 5.12 -28.92 -25.81
N ALA D 153 5.87 -29.99 -25.55
CA ALA D 153 7.11 -29.84 -24.75
C ALA D 153 8.11 -28.78 -25.29
N GLU D 154 8.34 -28.78 -26.60
CA GLU D 154 9.26 -27.80 -27.21
C GLU D 154 8.81 -26.35 -26.95
N GLN D 155 7.50 -26.11 -27.06
CA GLN D 155 6.92 -24.81 -26.79
C GLN D 155 7.01 -24.45 -25.30
N LEU D 156 6.73 -25.40 -24.41
CA LEU D 156 6.83 -25.11 -22.96
C LEU D 156 8.28 -24.91 -22.52
N ARG D 157 9.20 -25.68 -23.12
CA ARG D 157 10.63 -25.54 -22.82
C ARG D 157 11.09 -24.12 -23.10
N ALA D 158 10.60 -23.51 -24.19
CA ALA D 158 11.01 -22.15 -24.55
C ALA D 158 10.56 -21.15 -23.48
N TYR D 159 9.36 -21.38 -22.92
CA TYR D 159 8.85 -20.56 -21.81
C TYR D 159 9.67 -20.81 -20.52
N LEU D 160 9.88 -22.08 -20.18
CA LEU D 160 10.53 -22.41 -18.90
C LEU D 160 11.99 -21.94 -18.81
N GLU D 161 12.72 -22.03 -19.92
CA GLU D 161 14.13 -21.64 -19.96
C GLU D 161 14.31 -20.16 -20.31
N GLY D 162 13.29 -19.55 -20.91
CA GLY D 162 13.42 -18.20 -21.47
C GLY D 162 12.61 -17.21 -20.68
N THR D 163 11.34 -17.12 -21.02
CA THR D 163 10.48 -16.12 -20.38
C THR D 163 10.33 -16.24 -18.86
N CYS D 164 10.25 -17.48 -18.34
CA CYS D 164 10.11 -17.70 -16.90
C CYS D 164 11.32 -17.14 -16.14
N VAL D 165 12.50 -17.44 -16.65
CA VAL D 165 13.75 -16.91 -16.03
C VAL D 165 13.82 -15.38 -16.18
N GLU D 166 13.46 -14.90 -17.36
CA GLU D 166 13.48 -13.45 -17.61
C GLU D 166 12.67 -12.72 -16.53
N TRP D 167 11.44 -13.17 -16.30
CA TRP D 167 10.55 -12.48 -15.38
C TRP D 167 10.92 -12.75 -13.93
N LEU D 168 11.38 -13.96 -13.64
CA LEU D 168 11.85 -14.24 -12.27
C LEU D 168 12.96 -13.22 -11.93
N ARG D 169 13.93 -13.07 -12.82
CA ARG D 169 15.00 -12.05 -12.67
C ARG D 169 14.43 -10.65 -12.46
N ARG D 170 13.47 -10.27 -13.32
CA ARG D 170 12.86 -8.96 -13.21
C ARG D 170 12.27 -8.75 -11.83
N TYR D 171 11.46 -9.71 -11.36
CA TYR D 171 10.82 -9.58 -10.05
C TYR D 171 11.82 -9.56 -8.86
N LEU D 172 12.82 -10.43 -8.89
CA LEU D 172 13.87 -10.42 -7.86
C LEU D 172 14.49 -9.03 -7.69
N GLU D 173 14.66 -8.31 -8.81
CA GLU D 173 15.20 -6.93 -8.80
C GLU D 173 14.17 -5.93 -8.28
N ASN D 174 13.02 -5.87 -8.96
CA ASN D 174 11.95 -4.98 -8.59
C ASN D 174 11.50 -5.20 -7.15
N GLY D 175 11.48 -6.45 -6.70
CA GLY D 175 11.08 -6.78 -5.33
C GLY D 175 12.19 -7.08 -4.35
N LYS D 176 13.41 -6.68 -4.70
CA LYS D 176 14.61 -7.06 -3.91
C LYS D 176 14.44 -6.79 -2.41
N GLU D 177 13.77 -5.70 -2.02
CA GLU D 177 13.59 -5.39 -0.58
C GLU D 177 12.80 -6.48 0.20
N THR D 178 11.86 -7.10 -0.49
CA THR D 178 10.99 -8.17 -0.01
C THR D 178 11.64 -9.54 -0.29
N LEU D 179 11.92 -9.79 -1.56
CA LEU D 179 12.29 -11.13 -2.03
C LEU D 179 13.70 -11.51 -1.69
N GLN D 180 14.60 -10.53 -1.64
CA GLN D 180 16.00 -10.84 -1.36
C GLN D 180 16.33 -10.61 0.13
N ARG D 181 15.29 -10.34 0.92
CA ARG D 181 15.41 -10.14 2.37
C ARG D 181 15.45 -11.47 3.05
N THR D 182 16.12 -11.49 4.19
CA THR D 182 16.06 -12.62 5.07
C THR D 182 15.63 -12.10 6.45
N ASP D 183 14.54 -12.64 7.00
CA ASP D 183 14.16 -12.28 8.36
C ASP D 183 14.56 -13.44 9.24
N ALA D 184 15.45 -13.18 10.18
CA ALA D 184 15.94 -14.23 11.07
C ALA D 184 14.83 -14.55 12.07
N PRO D 185 14.71 -15.84 12.46
CA PRO D 185 13.69 -16.21 13.43
C PRO D 185 13.88 -15.55 14.80
N LYS D 186 12.78 -15.12 15.38
CA LYS D 186 12.75 -14.68 16.78
C LYS D 186 12.35 -15.89 17.55
N THR D 187 13.16 -16.22 18.57
CA THR D 187 12.99 -17.49 19.26
C THR D 187 12.76 -17.37 20.76
N HIS D 188 12.14 -18.39 21.33
CA HIS D 188 11.94 -18.52 22.77
C HIS D 188 11.54 -19.95 23.07
N MET D 189 11.51 -20.31 24.36
CA MET D 189 11.13 -21.66 24.75
C MET D 189 10.08 -21.61 25.86
N THR D 190 9.08 -22.49 25.74
CA THR D 190 8.09 -22.67 26.83
C THR D 190 8.30 -24.02 27.54
N HIS D 191 7.72 -24.12 28.74
CA HIS D 191 7.82 -25.29 29.59
C HIS D 191 6.44 -25.61 30.23
N HIS D 192 5.88 -26.78 29.92
CA HIS D 192 4.63 -27.28 30.55
C HIS D 192 4.86 -28.59 31.31
N ALA D 193 4.06 -28.85 32.35
CA ALA D 193 4.13 -30.13 33.05
C ALA D 193 2.96 -31.05 32.69
N GLU D 198 7.75 -35.67 34.37
CA GLU D 198 7.83 -35.34 32.96
C GLU D 198 7.34 -33.93 32.64
N ALA D 199 8.11 -33.21 31.82
CA ALA D 199 7.70 -31.91 31.29
C ALA D 199 7.79 -31.89 29.76
N THR D 200 7.09 -30.96 29.13
CA THR D 200 7.29 -30.73 27.71
C THR D 200 8.00 -29.38 27.54
N LEU D 201 9.12 -29.40 26.79
CA LEU D 201 9.80 -28.17 26.38
C LEU D 201 9.51 -27.93 24.91
N ARG D 202 9.17 -26.69 24.60
CA ARG D 202 8.79 -26.33 23.24
C ARG D 202 9.64 -25.18 22.77
N CYS D 203 10.32 -25.38 21.64
CA CYS D 203 11.19 -24.37 21.06
C CYS D 203 10.45 -23.66 19.92
N TRP D 204 10.37 -22.33 19.98
CA TRP D 204 9.63 -21.52 19.01
C TRP D 204 10.52 -20.68 18.11
N ALA D 205 10.11 -20.57 16.84
CA ALA D 205 10.78 -19.70 15.88
C ALA D 205 9.66 -18.91 15.17
N LEU D 206 9.72 -17.58 15.24
CA LEU D 206 8.65 -16.74 14.72
C LEU D 206 9.20 -15.69 13.79
N SER D 207 8.32 -15.16 12.95
CA SER D 207 8.61 -14.05 12.05
C SER D 207 9.88 -14.19 11.22
N PHE D 208 10.08 -15.40 10.68
CA PHE D 208 11.20 -15.67 9.80
C PHE D 208 10.77 -15.78 8.34
N TYR D 209 11.74 -15.57 7.46
CA TYR D 209 11.54 -15.63 6.00
C TYR D 209 12.94 -15.83 5.40
N PRO D 210 13.09 -16.76 4.43
CA PRO D 210 12.13 -17.70 3.84
C PRO D 210 11.60 -18.75 4.82
N ALA D 211 10.64 -19.57 4.36
CA ALA D 211 10.01 -20.61 5.19
C ALA D 211 10.99 -21.72 5.63
N GLU D 212 12.03 -21.98 4.82
CA GLU D 212 12.97 -23.06 5.11
C GLU D 212 13.66 -22.80 6.46
N ILE D 213 13.63 -23.79 7.33
CA ILE D 213 14.15 -23.68 8.69
C ILE D 213 14.36 -25.10 9.20
N THR D 214 15.31 -25.25 10.12
CA THR D 214 15.50 -26.52 10.83
C THR D 214 15.50 -26.27 12.33
N LEU D 215 14.59 -26.92 13.02
CA LEU D 215 14.52 -26.87 14.48
C LEU D 215 14.78 -28.26 14.97
N THR D 216 15.77 -28.44 15.86
CA THR D 216 16.23 -29.79 16.27
C THR D 216 16.48 -29.81 17.76
N TRP D 217 15.89 -30.80 18.42
CA TRP D 217 16.12 -31.01 19.83
C TRP D 217 17.22 -32.06 19.97
N GLN D 218 18.16 -31.77 20.85
CA GLN D 218 19.25 -32.72 21.18
C GLN D 218 19.25 -32.96 22.68
N ARG D 219 19.52 -34.21 23.08
CA ARG D 219 19.75 -34.57 24.48
C ARG D 219 21.20 -35.03 24.55
N ASP D 220 21.98 -34.40 25.44
CA ASP D 220 23.43 -34.64 25.50
C ASP D 220 24.06 -34.58 24.08
N GLY D 221 23.58 -33.64 23.27
CA GLY D 221 24.15 -33.46 21.93
C GLY D 221 23.71 -34.46 20.86
N GLU D 222 22.76 -35.34 21.18
CA GLU D 222 22.27 -36.31 20.20
C GLU D 222 20.87 -35.93 19.75
N ASP D 223 20.69 -35.85 18.43
CA ASP D 223 19.39 -35.51 17.85
C ASP D 223 18.32 -36.45 18.39
N GLN D 224 17.20 -35.88 18.83
CA GLN D 224 16.06 -36.68 19.27
C GLN D 224 14.98 -36.74 18.21
N THR D 225 15.29 -37.38 17.08
CA THR D 225 14.36 -37.46 15.97
C THR D 225 13.05 -38.13 16.37
N GLN D 226 13.17 -39.32 16.98
CA GLN D 226 12.01 -40.18 17.19
C GLN D 226 11.22 -39.74 18.41
N ASP D 227 11.54 -38.55 18.92
CA ASP D 227 11.03 -38.12 20.22
C ASP D 227 10.62 -36.65 20.19
N THR D 228 10.70 -36.04 19.01
CA THR D 228 10.33 -34.65 18.84
C THR D 228 9.00 -34.50 18.08
N GLU D 229 8.05 -33.79 18.68
CA GLU D 229 6.87 -33.29 17.94
C GLU D 229 7.21 -32.01 17.18
N LEU D 230 7.08 -32.05 15.87
CA LEU D 230 7.42 -30.93 15.01
C LEU D 230 6.22 -30.56 14.15
N VAL D 231 5.66 -29.37 14.34
CA VAL D 231 4.53 -28.94 13.50
C VAL D 231 4.95 -28.44 12.12
N GLU D 232 4.00 -28.49 11.21
CA GLU D 232 4.24 -28.00 9.88
C GLU D 232 4.51 -26.50 10.03
N THR D 233 5.51 -26.01 9.31
CA THR D 233 5.79 -24.56 9.29
C THR D 233 4.51 -23.86 8.78
N ARG D 234 4.16 -22.73 9.41
CA ARG D 234 2.86 -22.12 9.14
C ARG D 234 3.01 -20.64 8.84
N PRO D 235 2.10 -20.08 8.01
CA PRO D 235 2.24 -18.66 7.71
C PRO D 235 1.72 -17.76 8.85
N ALA D 236 2.41 -16.67 9.11
CA ALA D 236 1.97 -15.71 10.15
C ALA D 236 0.86 -14.82 9.61
N GLY D 237 0.77 -14.70 8.28
CA GLY D 237 -0.23 -13.83 7.66
C GLY D 237 0.32 -12.49 7.25
N ASP D 238 1.54 -12.19 7.67
CA ASP D 238 2.19 -10.93 7.29
C ASP D 238 3.38 -11.16 6.32
N GLY D 239 3.47 -12.34 5.73
CA GLY D 239 4.60 -12.67 4.85
C GLY D 239 5.75 -13.40 5.52
N THR D 240 5.64 -13.66 6.82
CA THR D 240 6.66 -14.41 7.52
C THR D 240 6.05 -15.73 7.96
N PHE D 241 6.87 -16.58 8.60
CA PHE D 241 6.43 -17.92 8.97
C PHE D 241 6.76 -18.23 10.44
N GLN D 242 6.20 -19.33 10.94
CA GLN D 242 6.38 -19.71 12.35
C GLN D 242 6.52 -21.22 12.38
N LYS D 243 7.16 -21.73 13.41
CA LYS D 243 7.29 -23.17 13.60
C LYS D 243 7.71 -23.43 15.05
N TRP D 244 7.30 -24.58 15.56
CA TRP D 244 7.77 -25.02 16.88
C TRP D 244 8.08 -26.50 16.88
N ALA D 245 8.98 -26.90 17.77
CA ALA D 245 9.36 -28.30 17.97
C ALA D 245 9.28 -28.57 19.48
N ALA D 246 8.67 -29.70 19.88
CA ALA D 246 8.59 -30.08 21.31
C ALA D 246 9.14 -31.49 21.60
N VAL D 247 9.64 -31.66 22.82
CA VAL D 247 10.07 -32.95 23.35
C VAL D 247 9.55 -33.14 24.78
N VAL D 248 9.26 -34.40 25.15
CA VAL D 248 8.90 -34.68 26.53
C VAL D 248 10.18 -35.02 27.31
N VAL D 249 10.44 -34.26 28.35
CA VAL D 249 11.64 -34.39 29.19
C VAL D 249 11.29 -34.94 30.60
N PRO D 250 12.06 -35.92 31.07
CA PRO D 250 11.99 -36.37 32.47
C PRO D 250 12.32 -35.23 33.43
N SER D 251 11.47 -35.03 34.44
CA SER D 251 11.87 -34.31 35.63
C SER D 251 13.35 -34.46 35.92
N GLY D 252 14.01 -33.36 36.25
CA GLY D 252 15.38 -33.40 36.71
C GLY D 252 16.38 -33.19 35.58
N GLN D 253 15.94 -33.40 34.36
CA GLN D 253 16.84 -33.63 33.22
C GLN D 253 16.74 -32.59 32.10
N GLU D 254 16.05 -31.46 32.35
CA GLU D 254 15.92 -30.40 31.36
C GLU D 254 17.26 -29.83 30.90
N GLN D 255 18.25 -29.83 31.79
CA GLN D 255 19.54 -29.21 31.48
C GLN D 255 20.32 -30.00 30.41
N ARG D 256 19.87 -31.20 30.11
CA ARG D 256 20.55 -32.01 29.12
C ARG D 256 20.07 -31.75 27.67
N TYR D 257 18.99 -30.97 27.53
CA TYR D 257 18.33 -30.76 26.24
C TYR D 257 18.68 -29.40 25.65
N THR D 258 18.99 -29.35 24.35
CA THR D 258 19.30 -28.10 23.67
C THR D 258 18.46 -28.01 22.38
N CYS D 259 17.88 -26.86 22.13
CA CYS D 259 17.18 -26.65 20.86
C CYS D 259 18.15 -25.94 19.89
N HIS D 260 18.15 -26.39 18.63
CA HIS D 260 19.06 -25.82 17.64
C HIS D 260 18.27 -25.25 16.50
N VAL D 261 18.61 -24.04 16.08
CA VAL D 261 17.83 -23.31 15.08
C VAL D 261 18.75 -22.92 13.94
N GLN D 262 18.46 -23.42 12.75
CA GLN D 262 19.23 -23.07 11.59
C GLN D 262 18.31 -22.44 10.56
N HIS D 263 18.73 -21.27 10.09
CA HIS D 263 17.94 -20.49 9.14
C HIS D 263 18.91 -19.55 8.42
N GLU D 264 18.65 -19.35 7.12
CA GLU D 264 19.45 -18.45 6.26
C GLU D 264 19.72 -17.06 6.85
N GLY D 265 18.80 -16.57 7.67
CA GLY D 265 18.87 -15.22 8.26
C GLY D 265 19.71 -15.06 9.50
N LEU D 266 20.11 -16.18 10.09
CA LEU D 266 20.92 -16.17 11.31
C LEU D 266 22.38 -15.98 10.94
N PRO D 267 23.06 -15.01 11.61
CA PRO D 267 24.49 -14.90 11.39
C PRO D 267 25.15 -16.25 11.71
N LYS D 268 24.67 -16.90 12.78
CA LYS D 268 25.15 -18.21 13.20
C LYS D 268 23.96 -18.99 13.79
N PRO D 269 23.93 -20.33 13.65
CA PRO D 269 22.85 -21.10 14.33
C PRO D 269 22.70 -20.76 15.82
N LEU D 270 21.47 -20.82 16.31
CA LEU D 270 21.17 -20.57 17.71
C LEU D 270 21.06 -21.88 18.50
N THR D 271 21.30 -21.77 19.80
CA THR D 271 21.13 -22.87 20.76
C THR D 271 20.26 -22.33 21.87
N LEU D 272 19.11 -22.96 22.08
CA LEU D 272 18.22 -22.55 23.16
C LEU D 272 18.29 -23.63 24.25
N ARG D 273 18.17 -23.18 25.49
CA ARG D 273 18.17 -24.04 26.67
C ARG D 273 17.07 -23.54 27.61
N TRP D 274 16.49 -24.43 28.40
CA TRP D 274 15.55 -24.02 29.44
C TRP D 274 16.31 -23.54 30.69
N GLU D 275 16.54 -22.23 30.73
CA GLU D 275 17.29 -21.59 31.82
C GLU D 275 16.52 -20.41 32.42
N ILE E 1 -10.02 -40.70 -3.85
CA ILE E 1 -9.01 -40.49 -2.75
C ILE E 1 -9.13 -39.10 -2.05
N GLN E 2 -9.29 -39.14 -0.74
CA GLN E 2 -9.45 -37.92 0.04
C GLN E 2 -8.41 -37.85 1.14
N ARG E 3 -8.10 -36.63 1.55
CA ARG E 3 -7.12 -36.38 2.59
C ARG E 3 -7.72 -35.36 3.57
N THR E 4 -7.63 -35.68 4.85
CA THR E 4 -8.22 -34.83 5.90
C THR E 4 -7.32 -33.66 6.31
N PRO E 5 -7.90 -32.48 6.55
CA PRO E 5 -7.05 -31.33 6.89
C PRO E 5 -6.34 -31.44 8.25
N LYS E 6 -5.07 -31.04 8.28
CA LYS E 6 -4.39 -30.70 9.53
C LYS E 6 -4.83 -29.29 9.88
N ILE E 7 -4.86 -28.97 11.16
CA ILE E 7 -5.40 -27.68 11.62
C ILE E 7 -4.49 -27.07 12.67
N GLN E 8 -4.16 -25.79 12.51
CA GLN E 8 -3.40 -25.02 13.49
C GLN E 8 -4.10 -23.70 13.73
N VAL E 9 -4.35 -23.41 15.00
CA VAL E 9 -5.00 -22.17 15.37
C VAL E 9 -3.99 -21.40 16.24
N TYR E 10 -3.82 -20.12 15.93
CA TYR E 10 -2.75 -19.34 16.58
C TYR E 10 -2.92 -17.86 16.24
N SER E 11 -2.19 -17.01 16.95
CA SER E 11 -2.16 -15.58 16.64
C SER E 11 -0.91 -15.20 15.82
N ARG E 12 -1.05 -14.17 15.00
CA ARG E 12 0.06 -13.68 14.22
C ARG E 12 1.26 -13.27 15.09
N HIS E 13 0.97 -12.56 16.18
CA HIS E 13 1.98 -12.07 17.12
C HIS E 13 1.65 -12.65 18.49
N PRO E 14 2.65 -12.78 19.37
CA PRO E 14 2.39 -13.20 20.74
C PRO E 14 1.24 -12.33 21.29
N ALA E 15 0.28 -12.97 21.96
CA ALA E 15 -0.92 -12.25 22.44
C ALA E 15 -0.56 -11.33 23.60
N GLU E 16 -1.09 -10.10 23.52
CA GLU E 16 -1.05 -9.14 24.59
C GLU E 16 -2.46 -8.60 24.75
N ASN E 17 -3.05 -8.81 25.92
CA ASN E 17 -4.38 -8.30 26.21
C ASN E 17 -4.45 -6.81 25.96
N GLY E 18 -5.49 -6.40 25.23
CA GLY E 18 -5.68 -5.00 24.88
C GLY E 18 -5.07 -4.52 23.57
N LYS E 19 -4.15 -5.29 23.00
CA LYS E 19 -3.52 -4.91 21.76
C LYS E 19 -4.07 -5.72 20.56
N SER E 20 -4.31 -5.02 19.45
CA SER E 20 -4.82 -5.66 18.25
C SER E 20 -3.82 -6.68 17.70
N ASN E 21 -4.36 -7.73 17.06
CA ASN E 21 -3.57 -8.86 16.60
C ASN E 21 -4.39 -9.48 15.48
N PHE E 22 -3.99 -10.66 15.04
CA PHE E 22 -4.76 -11.46 14.12
C PHE E 22 -4.89 -12.88 14.63
N LEU E 23 -6.10 -13.43 14.51
CA LEU E 23 -6.37 -14.82 14.87
C LEU E 23 -6.34 -15.60 13.57
N ASN E 24 -5.55 -16.69 13.53
CA ASN E 24 -5.37 -17.46 12.31
C ASN E 24 -5.81 -18.89 12.53
N CYS E 25 -6.41 -19.44 11.49
CA CYS E 25 -6.66 -20.87 11.43
C CYS E 25 -6.06 -21.38 10.12
N TYR E 26 -4.94 -22.09 10.26
CA TYR E 26 -4.23 -22.63 9.09
C TYR E 26 -4.64 -24.08 8.85
N VAL E 27 -5.22 -24.34 7.69
CA VAL E 27 -5.67 -25.69 7.32
C VAL E 27 -4.81 -26.18 6.17
N SER E 28 -4.34 -27.42 6.25
CA SER E 28 -3.44 -27.91 5.21
C SER E 28 -3.51 -29.42 5.01
N GLY E 29 -2.95 -29.87 3.90
CA GLY E 29 -2.85 -31.30 3.67
C GLY E 29 -4.15 -31.91 3.30
N PHE E 30 -5.10 -31.13 2.80
CA PHE E 30 -6.41 -31.71 2.48
C PHE E 30 -6.74 -31.83 0.99
N HIS E 31 -7.71 -32.69 0.70
CA HIS E 31 -8.23 -32.91 -0.65
C HIS E 31 -9.58 -33.63 -0.50
N PRO E 32 -10.63 -33.17 -1.23
CA PRO E 32 -10.69 -32.03 -2.18
C PRO E 32 -10.61 -30.64 -1.51
N SER E 33 -10.62 -29.58 -2.32
CA SER E 33 -10.42 -28.23 -1.81
C SER E 33 -11.62 -27.65 -1.03
N ASP E 34 -12.83 -28.14 -1.33
CA ASP E 34 -14.01 -27.63 -0.66
C ASP E 34 -13.91 -27.88 0.85
N ILE E 35 -14.03 -26.81 1.62
CA ILE E 35 -13.82 -26.90 3.06
C ILE E 35 -14.53 -25.72 3.67
N GLU E 36 -14.97 -25.87 4.92
CA GLU E 36 -15.57 -24.76 5.64
C GLU E 36 -14.71 -24.54 6.87
N VAL E 37 -14.32 -23.28 7.09
CA VAL E 37 -13.52 -22.89 8.23
C VAL E 37 -14.11 -21.63 8.84
N ASP E 38 -14.45 -21.75 10.13
CA ASP E 38 -15.01 -20.66 10.91
C ASP E 38 -14.12 -20.39 12.09
N LEU E 39 -14.01 -19.11 12.44
CA LEU E 39 -13.33 -18.71 13.65
C LEU E 39 -14.41 -18.36 14.67
N LEU E 40 -14.29 -18.85 15.89
CA LEU E 40 -15.32 -18.66 16.91
C LEU E 40 -14.78 -17.79 18.04
N LYS E 41 -15.63 -16.93 18.60
CA LYS E 41 -15.32 -16.15 19.79
C LYS E 41 -16.41 -16.58 20.77
N ASN E 42 -16.00 -17.24 21.85
CA ASN E 42 -16.96 -17.71 22.86
C ASN E 42 -18.12 -18.54 22.26
N GLY E 43 -17.77 -19.40 21.30
CA GLY E 43 -18.68 -20.38 20.74
C GLY E 43 -19.49 -19.81 19.60
N GLU E 44 -19.34 -18.50 19.36
CA GLU E 44 -20.09 -17.78 18.34
C GLU E 44 -19.20 -17.49 17.13
N ARG E 45 -19.78 -17.70 15.94
CA ARG E 45 -19.11 -17.44 14.68
C ARG E 45 -18.72 -15.97 14.51
N ILE E 46 -17.45 -15.74 14.15
CA ILE E 46 -16.96 -14.40 13.83
C ILE E 46 -17.25 -14.13 12.36
N GLU E 47 -17.83 -12.96 12.10
CA GLU E 47 -18.20 -12.54 10.73
C GLU E 47 -17.03 -11.79 10.07
N LYS E 48 -17.05 -11.73 8.75
CA LYS E 48 -16.02 -10.99 8.01
C LYS E 48 -14.62 -11.67 8.05
N VAL E 49 -14.56 -12.97 8.35
CA VAL E 49 -13.30 -13.72 8.38
C VAL E 49 -12.87 -13.87 6.92
N GLU E 50 -11.61 -13.55 6.66
CA GLU E 50 -11.06 -13.65 5.33
C GLU E 50 -10.14 -14.85 5.25
N HIS E 51 -9.69 -15.15 4.03
CA HIS E 51 -8.81 -16.30 3.80
C HIS E 51 -7.88 -16.05 2.62
N SER E 52 -6.77 -16.75 2.65
CA SER E 52 -5.77 -16.69 1.59
C SER E 52 -6.29 -17.28 0.27
N ASP E 53 -5.58 -17.00 -0.82
CA ASP E 53 -5.97 -17.57 -2.11
C ASP E 53 -5.60 -19.05 -2.16
N LEU E 54 -6.49 -19.88 -2.67
CA LEU E 54 -6.27 -21.31 -2.66
C LEU E 54 -4.95 -21.74 -3.34
N SER E 55 -4.08 -22.44 -2.61
CA SER E 55 -2.89 -22.99 -3.24
C SER E 55 -2.67 -24.44 -2.78
N PHE E 56 -1.60 -25.07 -3.26
CA PHE E 56 -1.35 -26.46 -2.91
C PHE E 56 0.12 -26.80 -2.88
N SER E 57 0.43 -27.92 -2.21
CA SER E 57 1.82 -28.33 -2.00
C SER E 57 2.25 -29.27 -3.12
N LYS E 58 3.49 -29.77 -3.02
CA LYS E 58 4.07 -30.70 -4.01
C LYS E 58 3.25 -31.98 -4.16
N ASP E 59 2.64 -32.44 -3.07
CA ASP E 59 1.83 -33.67 -3.14
C ASP E 59 0.40 -33.40 -3.59
N TRP E 60 0.14 -32.17 -4.06
CA TRP E 60 -1.17 -31.74 -4.60
C TRP E 60 -2.20 -31.36 -3.54
N SER E 61 -1.88 -31.62 -2.27
CA SER E 61 -2.84 -31.26 -1.23
C SER E 61 -2.90 -29.75 -1.00
N PHE E 62 -4.08 -29.27 -0.63
CA PHE E 62 -4.34 -27.85 -0.51
C PHE E 62 -4.01 -27.27 0.86
N TYR E 63 -3.82 -25.96 0.88
CA TYR E 63 -3.66 -25.23 2.15
C TYR E 63 -4.26 -23.83 2.02
N LEU E 64 -4.78 -23.33 3.14
CA LEU E 64 -5.48 -22.06 3.20
C LEU E 64 -5.27 -21.49 4.61
N LEU E 65 -5.11 -20.16 4.68
CA LEU E 65 -5.03 -19.44 5.96
C LEU E 65 -6.29 -18.61 6.09
N TYR E 66 -7.03 -18.85 7.18
CA TYR E 66 -8.25 -18.07 7.47
C TYR E 66 -7.84 -17.16 8.62
N TYR E 67 -8.24 -15.90 8.57
CA TYR E 67 -7.76 -14.94 9.58
C TYR E 67 -8.76 -13.81 9.78
N THR E 68 -8.61 -13.17 10.95
CA THR E 68 -9.41 -12.03 11.35
C THR E 68 -8.66 -11.17 12.39
N GLU E 69 -8.76 -9.85 12.26
CA GLU E 69 -8.23 -8.94 13.29
C GLU E 69 -9.02 -9.19 14.54
N PHE E 70 -8.33 -9.17 15.67
CA PHE E 70 -8.96 -9.35 16.98
C PHE E 70 -8.08 -8.75 18.06
N THR E 71 -8.70 -8.44 19.18
CA THR E 71 -7.99 -7.95 20.35
C THR E 71 -8.25 -8.94 21.47
N PRO E 72 -7.24 -9.71 21.86
CA PRO E 72 -7.47 -10.69 22.91
C PRO E 72 -7.66 -9.99 24.25
N THR E 73 -8.35 -10.68 25.14
CA THR E 73 -8.54 -10.26 26.51
C THR E 73 -8.27 -11.50 27.34
N GLU E 74 -8.15 -11.34 28.66
CA GLU E 74 -7.90 -12.49 29.52
C GLU E 74 -9.03 -13.52 29.46
N LYS E 75 -10.26 -13.06 29.27
CA LYS E 75 -11.45 -13.91 29.42
C LYS E 75 -11.96 -14.55 28.13
N ASP E 76 -11.84 -13.85 26.99
CA ASP E 76 -12.38 -14.34 25.72
C ASP E 76 -11.70 -15.62 25.24
N GLU E 77 -12.50 -16.56 24.79
CA GLU E 77 -11.97 -17.81 24.26
C GLU E 77 -12.15 -17.79 22.76
N TYR E 78 -11.22 -18.44 22.08
CA TYR E 78 -11.28 -18.53 20.62
C TYR E 78 -11.01 -19.95 20.13
N ALA E 79 -11.48 -20.25 18.92
CA ALA E 79 -11.32 -21.56 18.32
C ALA E 79 -11.51 -21.48 16.81
N CYS E 80 -11.16 -22.57 16.15
CA CYS E 80 -11.39 -22.72 14.72
C CYS E 80 -12.31 -23.91 14.58
N ARG E 81 -13.33 -23.84 13.72
CA ARG E 81 -14.23 -24.95 13.43
C ARG E 81 -14.09 -25.35 11.98
N VAL E 82 -13.71 -26.58 11.74
CA VAL E 82 -13.41 -27.03 10.41
C VAL E 82 -14.29 -28.20 10.00
N ASN E 83 -14.95 -28.06 8.86
CA ASN E 83 -15.70 -29.17 8.29
C ASN E 83 -15.16 -29.51 6.92
N HIS E 84 -15.15 -30.79 6.62
CA HIS E 84 -14.61 -31.31 5.38
C HIS E 84 -15.28 -32.66 5.10
N VAL E 85 -15.36 -33.05 3.82
CA VAL E 85 -15.96 -34.36 3.45
C VAL E 85 -15.38 -35.54 4.25
N THR E 86 -14.10 -35.45 4.61
CA THR E 86 -13.43 -36.52 5.34
C THR E 86 -13.84 -36.65 6.81
N LEU E 87 -14.62 -35.68 7.29
CA LEU E 87 -15.01 -35.62 8.71
C LEU E 87 -16.49 -35.97 8.92
N SER E 88 -16.77 -36.92 9.80
CA SER E 88 -18.16 -37.25 10.15
C SER E 88 -18.85 -36.10 10.89
N GLN E 89 -18.05 -35.25 11.52
CA GLN E 89 -18.55 -34.08 12.24
C GLN E 89 -17.44 -33.03 12.23
N PRO E 90 -17.81 -31.74 12.22
CA PRO E 90 -16.84 -30.64 12.26
C PRO E 90 -15.87 -30.77 13.42
N LYS E 91 -14.62 -30.39 13.18
CA LYS E 91 -13.59 -30.46 14.18
C LYS E 91 -13.39 -29.06 14.75
N ILE E 92 -13.41 -28.97 16.07
CA ILE E 92 -13.19 -27.70 16.75
C ILE E 92 -11.84 -27.76 17.45
N VAL E 93 -10.95 -26.81 17.11
CA VAL E 93 -9.62 -26.71 17.73
C VAL E 93 -9.54 -25.35 18.45
N LYS E 94 -9.31 -25.41 19.75
CA LYS E 94 -9.28 -24.22 20.61
C LYS E 94 -7.93 -23.49 20.49
N TRP E 95 -7.98 -22.15 20.48
CA TRP E 95 -6.76 -21.36 20.54
C TRP E 95 -6.14 -21.45 21.93
N ASP E 96 -4.88 -21.85 21.98
CA ASP E 96 -4.13 -21.95 23.22
C ASP E 96 -2.98 -20.95 23.22
N ARG E 97 -3.15 -19.82 23.94
CA ARG E 97 -2.13 -18.77 24.04
C ARG E 97 -0.78 -19.32 24.48
N ASP E 98 -0.79 -20.13 25.56
CA ASP E 98 0.41 -20.44 26.34
C ASP E 98 1.22 -21.60 25.77
N MET E 99 0.83 -22.08 24.60
CA MET E 99 1.58 -23.14 23.96
C MET E 99 3.05 -22.72 23.79
N CYS F 1 5.07 -13.90 -14.41
CA CYS F 1 4.31 -13.89 -15.70
C CYS F 1 3.86 -15.31 -16.11
N LEU F 2 2.58 -15.39 -16.45
CA LEU F 2 1.94 -16.65 -16.83
C LEU F 2 2.51 -17.15 -18.12
N GLY F 3 2.50 -18.46 -18.32
CA GLY F 3 2.76 -19.04 -19.64
C GLY F 3 1.60 -18.61 -20.52
N GLY F 4 1.89 -18.27 -21.78
CA GLY F 4 0.88 -17.83 -22.74
C GLY F 4 0.39 -18.98 -23.63
N LEU F 5 0.93 -20.19 -23.45
CA LEU F 5 0.58 -21.30 -24.31
C LEU F 5 -0.68 -22.03 -23.81
N LEU F 6 -1.65 -22.15 -24.71
CA LEU F 6 -2.89 -22.88 -24.36
C LEU F 6 -2.73 -24.34 -24.69
N THR F 7 -3.08 -25.21 -23.73
CA THR F 7 -3.02 -26.66 -23.92
C THR F 7 -4.26 -27.27 -23.24
N MET F 8 -4.70 -28.42 -23.76
CA MET F 8 -5.84 -29.15 -23.24
C MET F 8 -5.48 -30.63 -23.20
N VAL F 9 -5.87 -31.30 -22.10
CA VAL F 9 -5.58 -32.73 -21.92
C VAL F 9 -6.37 -33.62 -22.90
#